data_2B4I
#
_entry.id   2B4I
#
_cell.length_a   93.123
_cell.length_b   94.027
_cell.length_c   97.503
_cell.angle_alpha   90.00
_cell.angle_beta   90.00
_cell.angle_gamma   90.00
#
_symmetry.space_group_name_H-M   'P 21 21 21'
#
loop_
_entity.id
_entity.type
_entity.pdbx_description
1 polymer 'Outer capsid protein VP4'
2 water water
#
_entity_poly.entity_id   1
_entity_poly.type   'polypeptide(L)'
_entity_poly.pdbx_seq_one_letter_code
;MGSSHHHHHHSSGLVPRGSHMRAQANEDIVVSKTSLWKEMQYNRDITIRFKFASSIVKSGGLGYKWSEISFKPANYQYTY
TRDGEEVTAHTTCSVNGMNDFNFNGGSLPTDFVISRYEVIKENSYVYVDYWDDSQAFRNMVYVRSLAANLNSVICTGGDY
SFALPVGQWPVMTGGAVSLHSAGVTLSTQFTDFVSLNSLRFRFRLTVEEPSFSITRTRVSRLYGLPAANPNNGKEYYEVA
GRFSLISLVPSNDD
;
_entity_poly.pdbx_strand_id   A,B,C
#
# COMPACT_ATOMS: atom_id res chain seq x y z
N MET A 21 -12.08 -27.01 -27.92
CA MET A 21 -11.54 -26.78 -29.26
C MET A 21 -11.23 -25.30 -29.48
N ARG A 22 -10.00 -25.02 -29.91
CA ARG A 22 -9.57 -23.66 -30.16
C ARG A 22 -9.56 -23.41 -31.66
N ALA A 23 -9.40 -22.15 -32.05
CA ALA A 23 -9.36 -21.79 -33.47
C ALA A 23 -8.33 -20.70 -33.79
N GLN A 24 -8.11 -19.78 -32.86
CA GLN A 24 -7.15 -18.69 -33.08
C GLN A 24 -6.37 -18.33 -31.80
N ALA A 25 -5.26 -17.62 -31.99
CA ALA A 25 -4.40 -17.24 -30.88
C ALA A 25 -5.08 -16.42 -29.81
N ASN A 26 -5.90 -15.46 -30.24
CA ASN A 26 -6.59 -14.59 -29.31
C ASN A 26 -8.08 -14.88 -29.44
N GLU A 27 -8.64 -15.54 -28.43
CA GLU A 27 -10.04 -15.90 -28.50
C GLU A 27 -10.69 -16.08 -27.14
N ASP A 28 -12.01 -16.02 -27.13
CA ASP A 28 -12.82 -16.23 -25.93
C ASP A 28 -13.72 -17.41 -26.25
N ILE A 29 -13.64 -18.45 -25.44
CA ILE A 29 -14.46 -19.64 -25.66
C ILE A 29 -15.35 -19.92 -24.46
N VAL A 30 -16.65 -19.97 -24.70
CA VAL A 30 -17.60 -20.25 -23.65
C VAL A 30 -17.43 -21.70 -23.23
N VAL A 31 -17.19 -21.91 -21.94
CA VAL A 31 -17.00 -23.24 -21.39
C VAL A 31 -18.29 -23.74 -20.76
N SER A 32 -18.94 -22.88 -20.00
CA SER A 32 -20.20 -23.22 -19.34
C SER A 32 -21.00 -21.93 -19.29
N LYS A 33 -22.32 -22.06 -19.25
CA LYS A 33 -23.17 -20.88 -19.20
C LYS A 33 -24.31 -21.07 -18.23
N THR A 34 -24.58 -20.03 -17.46
CA THR A 34 -25.65 -20.01 -16.47
C THR A 34 -26.34 -18.67 -16.66
N SER A 35 -27.49 -18.47 -16.02
CA SER A 35 -28.22 -17.21 -16.13
C SER A 35 -27.34 -16.03 -15.75
N LEU A 36 -26.75 -16.09 -14.56
CA LEU A 36 -25.90 -14.99 -14.09
C LEU A 36 -24.39 -15.20 -14.25
N TRP A 37 -23.95 -16.44 -14.19
CA TRP A 37 -22.52 -16.76 -14.34
C TRP A 37 -22.16 -17.61 -15.54
N LYS A 38 -20.91 -17.49 -15.97
CA LYS A 38 -20.39 -18.27 -17.08
C LYS A 38 -18.89 -18.52 -16.93
N GLU A 39 -18.44 -19.65 -17.44
CA GLU A 39 -17.01 -19.98 -17.40
C GLU A 39 -16.50 -19.72 -18.80
N MET A 40 -15.52 -18.84 -18.92
CA MET A 40 -14.95 -18.51 -20.21
C MET A 40 -13.49 -18.97 -20.31
N GLN A 41 -13.15 -19.49 -21.48
CA GLN A 41 -11.80 -19.91 -21.76
C GLN A 41 -11.20 -18.71 -22.51
N TYR A 42 -10.20 -18.06 -21.93
CA TYR A 42 -9.56 -16.91 -22.57
C TYR A 42 -8.11 -17.26 -22.94
N ASN A 43 -7.75 -17.05 -24.21
CA ASN A 43 -6.41 -17.32 -24.70
C ASN A 43 -5.85 -16.04 -25.33
N ARG A 44 -4.76 -15.53 -24.78
CA ARG A 44 -4.19 -14.30 -25.30
C ARG A 44 -2.69 -14.33 -25.52
N ASP A 45 -2.29 -13.73 -26.59
CA ASP A 45 -0.89 -13.54 -26.89
C ASP A 45 -0.60 -12.18 -26.26
N ILE A 46 0.49 -12.05 -25.51
CA ILE A 46 0.75 -10.76 -24.88
C ILE A 46 2.17 -10.27 -25.04
N THR A 47 2.30 -8.94 -25.05
CA THR A 47 3.59 -8.29 -25.16
C THR A 47 3.73 -7.54 -23.84
N ILE A 48 4.59 -8.05 -22.97
CA ILE A 48 4.80 -7.44 -21.66
C ILE A 48 5.93 -6.43 -21.72
N ARG A 49 5.63 -5.17 -21.50
CA ARG A 49 6.64 -4.12 -21.49
C ARG A 49 6.64 -3.55 -20.07
N PHE A 50 7.81 -3.43 -19.48
CA PHE A 50 7.92 -2.93 -18.12
C PHE A 50 9.25 -2.26 -17.88
N LYS A 51 9.41 -1.68 -16.70
CA LYS A 51 10.64 -1.00 -16.33
C LYS A 51 10.78 -0.98 -14.83
N PHE A 52 11.99 -0.71 -14.36
CA PHE A 52 12.22 -0.63 -12.92
C PHE A 52 12.19 0.85 -12.59
N ALA A 53 12.22 1.15 -11.30
CA ALA A 53 12.26 2.53 -10.81
C ALA A 53 13.25 2.51 -9.68
N SER A 54 13.87 3.65 -9.39
CA SER A 54 14.86 3.73 -8.33
C SER A 54 14.63 4.91 -7.42
N SER A 55 15.04 4.75 -6.17
CA SER A 55 14.96 5.82 -5.20
C SER A 55 16.42 6.08 -4.84
N ILE A 56 16.92 7.23 -5.26
CA ILE A 56 18.30 7.61 -4.98
C ILE A 56 18.27 8.83 -4.08
N VAL A 57 18.78 8.67 -2.86
CA VAL A 57 18.77 9.73 -1.87
C VAL A 57 20.18 10.12 -1.42
N LYS A 58 20.50 11.41 -1.50
CA LYS A 58 21.82 11.87 -1.06
C LYS A 58 21.75 12.27 0.40
N SER A 59 22.90 12.17 1.08
CA SER A 59 22.98 12.53 2.48
C SER A 59 23.19 14.04 2.54
N GLY A 60 23.09 14.63 3.73
CA GLY A 60 23.29 16.06 3.84
C GLY A 60 24.77 16.39 3.69
N GLY A 61 25.18 17.56 4.18
CA GLY A 61 26.57 17.93 4.10
C GLY A 61 27.10 18.44 2.77
N LEU A 62 28.41 18.33 2.59
CA LEU A 62 29.11 18.79 1.40
C LEU A 62 28.66 18.20 0.08
N GLY A 63 28.13 16.99 0.09
CA GLY A 63 27.68 16.38 -1.15
C GLY A 63 28.52 15.22 -1.66
N TYR A 64 29.27 14.57 -0.77
CA TYR A 64 30.08 13.43 -1.18
C TYR A 64 29.44 12.11 -0.78
N LYS A 65 28.34 12.18 -0.03
CA LYS A 65 27.71 10.95 0.44
C LYS A 65 26.26 10.72 0.04
N TRP A 66 25.98 9.47 -0.33
CA TRP A 66 24.64 9.04 -0.73
C TRP A 66 24.15 8.09 0.36
N SER A 67 22.91 8.25 0.79
CA SER A 67 22.40 7.39 1.84
C SER A 67 21.65 6.15 1.36
N GLU A 68 21.06 6.22 0.17
CA GLU A 68 20.28 5.09 -0.33
C GLU A 68 20.05 5.06 -1.84
N ILE A 69 20.21 3.89 -2.43
CA ILE A 69 19.94 3.64 -3.84
C ILE A 69 19.15 2.34 -3.80
N SER A 70 17.84 2.42 -3.97
CA SER A 70 17.00 1.24 -3.87
C SER A 70 15.96 1.14 -4.97
N PHE A 71 15.44 -0.07 -5.17
CA PHE A 71 14.40 -0.31 -6.18
C PHE A 71 13.05 0.13 -5.64
N LYS A 72 12.13 0.48 -6.53
CA LYS A 72 10.78 0.81 -6.13
C LYS A 72 9.85 0.43 -7.28
N PRO A 73 8.60 0.07 -6.96
CA PRO A 73 7.61 -0.30 -7.98
C PRO A 73 7.55 0.73 -9.09
N ALA A 74 7.48 0.26 -10.34
CA ALA A 74 7.40 1.15 -11.49
C ALA A 74 6.22 0.75 -12.37
N ASN A 75 5.44 1.72 -12.82
CA ASN A 75 4.32 1.43 -13.69
C ASN A 75 4.69 1.80 -15.13
N TYR A 76 4.02 1.19 -16.10
CA TYR A 76 4.25 1.48 -17.51
C TYR A 76 2.97 1.22 -18.31
N GLN A 77 2.45 2.28 -18.92
CA GLN A 77 1.25 2.23 -19.72
C GLN A 77 1.67 2.33 -21.17
N TYR A 78 1.16 1.45 -22.02
CA TYR A 78 1.52 1.45 -23.43
C TYR A 78 0.48 0.82 -24.33
N THR A 79 0.75 0.85 -25.64
CA THR A 79 -0.13 0.25 -26.64
C THR A 79 0.70 -0.53 -27.62
N TYR A 80 0.10 -1.56 -28.21
CA TYR A 80 0.76 -2.37 -29.21
C TYR A 80 -0.34 -3.03 -30.02
N THR A 81 0.02 -3.62 -31.15
CA THR A 81 -0.98 -4.22 -32.02
C THR A 81 -1.10 -5.72 -31.92
N ARG A 82 -2.35 -6.19 -31.85
CA ARG A 82 -2.66 -7.61 -31.77
C ARG A 82 -3.86 -7.85 -32.72
N ASP A 83 -3.67 -8.75 -33.68
CA ASP A 83 -4.72 -9.04 -34.66
C ASP A 83 -5.27 -7.79 -35.33
N GLY A 84 -4.37 -6.89 -35.71
CA GLY A 84 -4.77 -5.65 -36.37
C GLY A 84 -5.50 -4.65 -35.49
N GLU A 85 -5.62 -4.94 -34.20
CA GLU A 85 -6.29 -4.02 -33.29
C GLU A 85 -5.33 -3.39 -32.31
N GLU A 86 -5.69 -2.23 -31.77
CA GLU A 86 -4.83 -1.57 -30.80
C GLU A 86 -5.15 -2.05 -29.39
N VAL A 87 -4.12 -2.52 -28.70
CA VAL A 87 -4.26 -2.99 -27.34
C VAL A 87 -3.63 -1.97 -26.42
N THR A 88 -4.30 -1.67 -25.31
CA THR A 88 -3.74 -0.75 -24.34
C THR A 88 -3.43 -1.63 -23.12
N ALA A 89 -2.18 -1.56 -22.65
CA ALA A 89 -1.75 -2.39 -21.53
C ALA A 89 -1.08 -1.59 -20.43
N HIS A 90 -1.15 -2.12 -19.21
CA HIS A 90 -0.59 -1.49 -18.04
C HIS A 90 0.17 -2.52 -17.22
N THR A 91 1.41 -2.22 -16.86
CA THR A 91 2.21 -3.14 -16.05
C THR A 91 2.75 -2.43 -14.82
N THR A 92 3.12 -3.23 -13.82
CA THR A 92 3.69 -2.74 -12.58
C THR A 92 4.80 -3.71 -12.23
N CYS A 93 6.02 -3.21 -12.14
CA CYS A 93 7.19 -4.01 -11.85
C CYS A 93 7.66 -3.79 -10.42
N SER A 94 7.81 -4.90 -9.69
CA SER A 94 8.26 -4.85 -8.31
C SER A 94 9.34 -5.93 -8.14
N VAL A 95 10.19 -5.78 -7.13
CA VAL A 95 11.24 -6.76 -6.86
C VAL A 95 11.24 -7.12 -5.39
N ASN A 96 11.87 -8.26 -5.09
CA ASN A 96 12.01 -8.72 -3.72
C ASN A 96 13.30 -9.51 -3.61
N GLY A 97 13.74 -9.76 -2.38
CA GLY A 97 14.97 -10.49 -2.17
C GLY A 97 16.20 -9.68 -2.57
N MET A 98 16.09 -8.36 -2.50
CA MET A 98 17.19 -7.46 -2.86
C MET A 98 18.35 -7.69 -1.89
N ASN A 99 19.57 -7.42 -2.34
CA ASN A 99 20.76 -7.60 -1.51
C ASN A 99 21.38 -6.23 -1.22
N ASP A 100 21.66 -5.95 0.05
CA ASP A 100 22.25 -4.67 0.45
C ASP A 100 23.78 -4.61 0.36
N PHE A 101 24.28 -3.64 -0.39
CA PHE A 101 25.72 -3.41 -0.52
C PHE A 101 25.95 -1.99 -0.06
N ASN A 102 27.22 -1.62 0.09
CA ASN A 102 27.54 -0.26 0.49
C ASN A 102 28.99 0.00 0.11
N PHE A 103 29.36 1.29 0.11
CA PHE A 103 30.73 1.67 -0.16
C PHE A 103 31.09 2.70 0.89
N ASN A 104 32.17 2.46 1.61
CA ASN A 104 32.59 3.38 2.65
C ASN A 104 33.97 3.91 2.28
N GLY A 105 34.02 5.13 1.78
CA GLY A 105 35.30 5.71 1.41
C GLY A 105 36.01 6.38 2.57
N GLY A 106 35.36 6.41 3.73
CA GLY A 106 35.96 7.05 4.90
C GLY A 106 34.92 7.91 5.62
N SER A 107 35.24 8.35 6.83
CA SER A 107 34.30 9.15 7.60
C SER A 107 34.42 10.67 7.45
N LEU A 108 35.35 11.13 6.64
CA LEU A 108 35.51 12.57 6.46
C LEU A 108 34.39 13.12 5.56
N PRO A 109 34.00 14.39 5.76
CA PRO A 109 32.95 15.00 4.96
C PRO A 109 33.22 14.84 3.46
N THR A 110 34.49 14.81 3.08
CA THR A 110 34.88 14.70 1.68
C THR A 110 35.10 13.26 1.20
N ASP A 111 34.89 12.29 2.08
CA ASP A 111 35.08 10.90 1.68
C ASP A 111 33.82 10.39 0.98
N PHE A 112 34.00 9.82 -0.22
CA PHE A 112 32.87 9.28 -0.99
C PHE A 112 32.21 8.12 -0.24
N VAL A 113 30.88 8.14 -0.18
CA VAL A 113 30.15 7.10 0.54
C VAL A 113 28.73 6.83 0.01
N ILE A 114 28.48 5.56 -0.25
CA ILE A 114 27.14 5.16 -0.51
C ILE A 114 26.82 4.29 0.70
N SER A 115 25.87 4.73 1.56
CA SER A 115 25.50 3.97 2.77
C SER A 115 24.77 2.66 2.48
N ARG A 116 23.94 2.65 1.45
CA ARG A 116 23.22 1.44 1.10
C ARG A 116 22.70 1.45 -0.33
N TYR A 117 23.06 0.43 -1.10
CA TYR A 117 22.53 0.31 -2.44
C TYR A 117 22.10 -1.13 -2.68
N GLU A 118 20.97 -1.30 -3.35
CA GLU A 118 20.43 -2.64 -3.60
C GLU A 118 20.87 -3.28 -4.91
N VAL A 119 20.97 -4.60 -4.89
CA VAL A 119 21.38 -5.39 -6.03
C VAL A 119 20.51 -6.65 -6.05
N ILE A 120 19.89 -6.95 -7.19
CA ILE A 120 19.09 -8.17 -7.27
C ILE A 120 19.99 -9.23 -7.91
N LYS A 121 19.96 -10.41 -7.33
CA LYS A 121 20.78 -11.53 -7.77
C LYS A 121 19.97 -12.81 -7.92
N GLU A 122 20.64 -13.95 -7.92
CA GLU A 122 19.93 -15.21 -8.10
C GLU A 122 19.01 -15.56 -6.93
N ASN A 123 19.14 -14.83 -5.83
CA ASN A 123 18.28 -15.04 -4.67
C ASN A 123 17.15 -14.00 -4.66
N SER A 124 17.04 -13.23 -5.75
CA SER A 124 16.02 -12.19 -5.85
C SER A 124 14.92 -12.58 -6.85
N TYR A 125 13.79 -11.88 -6.76
CA TYR A 125 12.67 -12.12 -7.68
C TYR A 125 12.19 -10.80 -8.21
N VAL A 126 11.85 -10.79 -9.50
CA VAL A 126 11.28 -9.63 -10.15
C VAL A 126 9.86 -10.04 -10.51
N TYR A 127 8.89 -9.18 -10.21
CA TYR A 127 7.51 -9.50 -10.54
C TYR A 127 6.99 -8.43 -11.49
N VAL A 128 6.18 -8.85 -12.44
CA VAL A 128 5.58 -7.91 -13.37
C VAL A 128 4.10 -8.20 -13.47
N ASP A 129 3.28 -7.25 -13.03
CA ASP A 129 1.84 -7.41 -13.13
C ASP A 129 1.46 -6.94 -14.52
N TYR A 130 0.52 -7.64 -15.15
CA TYR A 130 0.08 -7.26 -16.49
C TYR A 130 -1.44 -7.26 -16.63
N TRP A 131 -1.93 -6.22 -17.31
CA TRP A 131 -3.35 -6.06 -17.58
C TRP A 131 -3.44 -5.41 -18.96
N ASP A 132 -4.47 -5.77 -19.74
CA ASP A 132 -4.69 -5.09 -21.01
C ASP A 132 -6.21 -4.93 -21.15
N ASP A 133 -6.65 -4.02 -22.01
CA ASP A 133 -8.09 -3.75 -22.14
C ASP A 133 -8.98 -4.76 -22.85
N SER A 134 -8.46 -5.94 -23.14
CA SER A 134 -9.27 -6.96 -23.81
C SER A 134 -10.22 -7.59 -22.81
N GLN A 135 -11.18 -8.37 -23.32
CA GLN A 135 -12.19 -9.04 -22.49
C GLN A 135 -11.65 -9.98 -21.40
N ALA A 136 -10.54 -10.64 -21.68
CA ALA A 136 -9.95 -11.59 -20.74
C ALA A 136 -9.68 -11.08 -19.32
N PHE A 137 -9.32 -9.80 -19.19
CA PHE A 137 -9.01 -9.21 -17.89
C PHE A 137 -10.22 -8.62 -17.18
N ARG A 138 -11.38 -8.77 -17.82
CA ARG A 138 -12.66 -8.33 -17.30
C ARG A 138 -13.11 -9.23 -16.15
N ASN A 139 -13.30 -8.64 -14.98
CA ASN A 139 -13.74 -9.42 -13.84
C ASN A 139 -12.90 -10.70 -13.64
N MET A 140 -11.61 -10.63 -13.94
CA MET A 140 -10.74 -11.80 -13.76
C MET A 140 -10.47 -11.96 -12.26
N VAL A 141 -11.29 -12.79 -11.61
CA VAL A 141 -11.20 -13.02 -10.17
C VAL A 141 -11.05 -14.50 -9.80
N TYR A 142 -11.72 -15.37 -10.53
CA TYR A 142 -11.68 -16.81 -10.25
C TYR A 142 -11.15 -17.53 -11.46
N VAL A 143 -9.89 -17.93 -11.38
CA VAL A 143 -9.23 -18.60 -12.49
C VAL A 143 -8.74 -20.01 -12.17
N ARG A 144 -8.88 -20.90 -13.14
CA ARG A 144 -8.40 -22.28 -13.03
C ARG A 144 -7.77 -22.63 -14.37
N SER A 145 -6.98 -23.69 -14.40
CA SER A 145 -6.32 -24.12 -15.63
C SER A 145 -5.45 -23.02 -16.22
N LEU A 146 -4.86 -22.19 -15.35
CA LEU A 146 -4.01 -21.10 -15.79
C LEU A 146 -2.69 -21.66 -16.31
N ALA A 147 -2.35 -21.29 -17.53
CA ALA A 147 -1.11 -21.72 -18.16
C ALA A 147 -0.51 -20.52 -18.89
N ALA A 148 0.81 -20.39 -18.84
CA ALA A 148 1.46 -19.27 -19.51
C ALA A 148 2.82 -19.66 -20.05
N ASN A 149 3.19 -19.07 -21.17
CA ASN A 149 4.48 -19.31 -21.79
C ASN A 149 5.10 -17.96 -22.08
N LEU A 150 6.22 -17.67 -21.42
CA LEU A 150 6.91 -16.41 -21.59
C LEU A 150 8.38 -16.52 -21.96
N ASN A 151 8.83 -15.61 -22.81
CA ASN A 151 10.21 -15.56 -23.24
C ASN A 151 11.05 -15.06 -22.08
N SER A 152 12.36 -15.06 -22.25
CA SER A 152 13.27 -14.57 -21.22
C SER A 152 13.78 -13.23 -21.71
N VAL A 153 14.30 -12.42 -20.79
CA VAL A 153 14.83 -11.11 -21.15
C VAL A 153 16.03 -10.79 -20.27
N ILE A 154 16.98 -10.08 -20.82
CA ILE A 154 18.18 -9.69 -20.09
C ILE A 154 18.08 -8.22 -19.73
N CYS A 155 18.38 -7.92 -18.47
CA CYS A 155 18.33 -6.55 -18.00
C CYS A 155 19.75 -6.18 -17.63
N THR A 156 20.25 -5.08 -18.18
CA THR A 156 21.61 -4.63 -17.88
C THR A 156 21.61 -3.28 -17.16
N GLY A 157 22.64 -3.04 -16.37
CA GLY A 157 22.74 -1.81 -15.63
C GLY A 157 23.45 -0.75 -16.44
N GLY A 158 22.91 0.46 -16.42
CA GLY A 158 23.53 1.54 -17.14
C GLY A 158 24.52 2.19 -16.19
N ASP A 159 25.29 3.13 -16.73
CA ASP A 159 26.26 3.82 -15.89
C ASP A 159 25.55 4.84 -15.01
N TYR A 160 26.12 5.08 -13.85
CA TYR A 160 25.58 6.07 -12.93
C TYR A 160 26.72 6.83 -12.28
N SER A 161 26.84 8.12 -12.61
CA SER A 161 27.91 8.97 -12.08
C SER A 161 27.53 9.62 -10.76
N PHE A 162 28.47 9.64 -9.83
CA PHE A 162 28.23 10.30 -8.55
C PHE A 162 29.03 11.59 -8.62
N ALA A 163 28.36 12.66 -9.02
CA ALA A 163 29.01 13.95 -9.17
C ALA A 163 29.43 14.54 -7.83
N LEU A 164 30.71 14.41 -7.50
CA LEU A 164 31.23 14.95 -6.24
C LEU A 164 31.49 16.45 -6.44
N PRO A 165 31.34 17.25 -5.38
CA PRO A 165 31.58 18.69 -5.54
C PRO A 165 32.99 19.04 -6.03
N VAL A 166 33.96 18.19 -5.72
CA VAL A 166 35.34 18.41 -6.14
C VAL A 166 36.01 17.08 -6.47
N GLY A 167 36.89 17.08 -7.48
CA GLY A 167 37.58 15.87 -7.83
C GLY A 167 36.88 15.02 -8.87
N GLN A 168 37.50 13.88 -9.16
CA GLN A 168 36.99 12.93 -10.15
C GLN A 168 35.70 12.27 -9.64
N TRP A 169 34.79 11.99 -10.56
CA TRP A 169 33.51 11.38 -10.22
C TRP A 169 33.51 9.87 -10.26
N PRO A 170 33.16 9.22 -9.14
CA PRO A 170 33.14 7.76 -9.17
C PRO A 170 31.98 7.38 -10.09
N VAL A 171 32.06 6.24 -10.77
CA VAL A 171 30.96 5.85 -11.66
C VAL A 171 30.60 4.37 -11.52
N MET A 172 29.37 4.10 -11.08
CA MET A 172 28.92 2.72 -10.95
C MET A 172 28.61 2.24 -12.37
N THR A 173 29.19 1.12 -12.75
CA THR A 173 29.00 0.62 -14.10
C THR A 173 28.86 -0.90 -14.17
N GLY A 174 28.09 -1.36 -15.15
CA GLY A 174 27.89 -2.79 -15.33
C GLY A 174 26.70 -3.40 -14.61
N GLY A 175 26.70 -4.72 -14.53
CA GLY A 175 25.64 -5.44 -13.87
C GLY A 175 24.67 -6.00 -14.88
N ALA A 176 24.12 -7.18 -14.59
CA ALA A 176 23.17 -7.80 -15.50
C ALA A 176 22.58 -9.08 -14.93
N VAL A 177 21.31 -9.31 -15.23
CA VAL A 177 20.62 -10.52 -14.82
C VAL A 177 19.66 -10.85 -15.95
N SER A 178 19.35 -12.13 -16.11
CA SER A 178 18.40 -12.54 -17.13
C SER A 178 17.19 -13.03 -16.34
N LEU A 179 15.99 -12.66 -16.79
CA LEU A 179 14.75 -13.04 -16.12
C LEU A 179 14.16 -14.28 -16.79
N HIS A 180 13.72 -15.23 -15.98
CA HIS A 180 13.18 -16.48 -16.50
C HIS A 180 11.83 -16.71 -15.85
N SER A 181 10.80 -16.91 -16.67
CA SER A 181 9.46 -17.13 -16.16
C SER A 181 9.42 -18.26 -15.13
N ALA A 182 8.85 -17.95 -13.99
CA ALA A 182 8.75 -18.95 -12.94
C ALA A 182 7.47 -18.81 -12.13
N GLY A 183 6.31 -19.02 -12.74
CA GLY A 183 5.09 -18.91 -11.99
C GLY A 183 4.23 -17.72 -12.32
N VAL A 184 2.91 -17.88 -12.20
CA VAL A 184 1.94 -16.82 -12.49
C VAL A 184 0.79 -16.96 -11.49
N THR A 185 0.29 -15.83 -10.99
CA THR A 185 -0.83 -15.85 -10.06
C THR A 185 -1.66 -14.60 -10.32
N LEU A 186 -2.85 -14.48 -9.74
CA LEU A 186 -3.65 -13.29 -9.98
C LEU A 186 -3.16 -12.16 -9.08
N SER A 187 -3.38 -10.92 -9.51
CA SER A 187 -3.00 -9.76 -8.73
C SER A 187 -3.90 -8.59 -9.11
N THR A 188 -3.76 -7.51 -8.36
CA THR A 188 -4.53 -6.30 -8.63
C THR A 188 -3.53 -5.16 -8.74
N GLN A 189 -3.60 -4.39 -9.83
CA GLN A 189 -2.73 -3.23 -9.98
C GLN A 189 -3.57 -2.08 -9.48
N PHE A 190 -3.18 -1.54 -8.33
CA PHE A 190 -3.91 -0.43 -7.73
C PHE A 190 -3.45 0.90 -8.30
N THR A 191 -4.00 1.30 -9.45
CA THR A 191 -3.61 2.58 -10.03
C THR A 191 -4.36 3.71 -9.31
N ASP A 192 -4.04 4.94 -9.67
CA ASP A 192 -4.68 6.10 -9.06
C ASP A 192 -6.20 6.07 -9.19
N PHE A 193 -6.70 5.46 -10.25
CA PHE A 193 -8.13 5.42 -10.48
C PHE A 193 -8.71 3.99 -10.44
N VAL A 194 -8.57 3.26 -11.54
CA VAL A 194 -9.10 1.89 -11.61
C VAL A 194 -8.15 0.86 -11.01
N SER A 195 -8.71 -0.15 -10.35
CA SER A 195 -7.94 -1.25 -9.75
C SER A 195 -8.04 -2.35 -10.82
N LEU A 196 -6.95 -2.58 -11.56
CA LEU A 196 -6.95 -3.55 -12.65
C LEU A 196 -6.81 -5.02 -12.27
N ASN A 197 -7.69 -5.90 -12.78
CA ASN A 197 -7.61 -7.35 -12.52
C ASN A 197 -6.43 -7.77 -13.38
N SER A 198 -5.41 -8.35 -12.77
CA SER A 198 -4.19 -8.70 -13.52
C SER A 198 -3.61 -10.09 -13.28
N LEU A 199 -2.57 -10.37 -14.03
CA LEU A 199 -1.83 -11.63 -13.90
C LEU A 199 -0.47 -11.18 -13.40
N ARG A 200 0.06 -11.81 -12.36
CA ARG A 200 1.40 -11.43 -11.86
C ARG A 200 2.38 -12.54 -12.25
N PHE A 201 3.34 -12.15 -13.07
CA PHE A 201 4.36 -13.06 -13.57
C PHE A 201 5.62 -12.92 -12.72
N ARG A 202 6.07 -14.03 -12.14
CA ARG A 202 7.27 -14.02 -11.31
C ARG A 202 8.44 -14.50 -12.16
N PHE A 203 9.59 -13.84 -12.02
CA PHE A 203 10.77 -14.22 -12.77
C PHE A 203 11.91 -14.52 -11.81
N ARG A 204 12.52 -15.66 -12.02
CA ARG A 204 13.69 -16.02 -11.23
C ARG A 204 14.85 -15.38 -11.95
N LEU A 205 15.98 -15.15 -11.29
CA LEU A 205 17.10 -14.50 -11.96
C LEU A 205 18.39 -15.30 -11.98
N THR A 206 19.14 -15.10 -13.06
CA THR A 206 20.44 -15.71 -13.28
C THR A 206 21.36 -14.53 -13.57
N VAL A 207 22.48 -14.41 -12.84
CA VAL A 207 23.39 -13.30 -13.08
C VAL A 207 24.09 -13.49 -14.41
N GLU A 208 24.37 -12.40 -15.09
CA GLU A 208 25.00 -12.46 -16.38
C GLU A 208 26.13 -11.46 -16.50
N GLU A 209 26.90 -11.57 -17.57
CA GLU A 209 27.98 -10.62 -17.83
C GLU A 209 27.26 -9.37 -18.29
N PRO A 210 27.81 -8.19 -17.96
CA PRO A 210 29.04 -8.00 -17.21
C PRO A 210 28.80 -7.77 -15.71
N SER A 211 29.85 -7.99 -14.93
CA SER A 211 29.77 -7.75 -13.49
C SER A 211 29.79 -6.24 -13.37
N PHE A 212 29.51 -5.72 -12.18
CA PHE A 212 29.51 -4.29 -12.01
C PHE A 212 30.69 -3.86 -11.17
N SER A 213 30.95 -2.56 -11.15
CA SER A 213 32.06 -2.01 -10.39
C SER A 213 31.76 -0.55 -10.18
N ILE A 214 32.66 0.12 -9.46
CA ILE A 214 32.54 1.55 -9.22
C ILE A 214 33.91 2.10 -9.54
N THR A 215 34.02 2.88 -10.61
CA THR A 215 35.31 3.43 -10.97
C THR A 215 35.82 4.31 -9.84
N ARG A 216 37.14 4.38 -9.72
CA ARG A 216 37.81 5.17 -8.70
C ARG A 216 37.64 4.59 -7.28
N THR A 217 37.46 3.28 -7.19
CA THR A 217 37.32 2.56 -5.92
C THR A 217 37.83 1.13 -6.10
N ARG A 218 37.92 0.38 -5.01
CA ARG A 218 38.41 -1.00 -5.06
C ARG A 218 37.27 -1.96 -5.38
N VAL A 219 36.09 -1.42 -5.69
CA VAL A 219 34.91 -2.25 -5.98
C VAL A 219 34.80 -2.71 -7.43
N SER A 220 34.83 -4.02 -7.65
CA SER A 220 34.72 -4.56 -9.01
C SER A 220 34.40 -6.06 -9.02
N ARG A 221 34.06 -6.57 -10.20
CA ARG A 221 33.77 -7.99 -10.36
C ARG A 221 32.61 -8.53 -9.52
N LEU A 222 31.61 -7.71 -9.27
CA LEU A 222 30.45 -8.15 -8.51
C LEU A 222 29.32 -8.47 -9.48
N TYR A 223 28.62 -9.57 -9.25
CA TYR A 223 27.53 -9.95 -10.14
C TYR A 223 26.16 -9.63 -9.60
N GLY A 224 25.30 -9.15 -10.49
CA GLY A 224 23.95 -8.79 -10.11
C GLY A 224 23.57 -7.48 -10.78
N LEU A 225 22.34 -7.03 -10.55
CA LEU A 225 21.87 -5.78 -11.14
C LEU A 225 21.61 -4.75 -10.05
N PRO A 226 22.42 -3.67 -10.01
CA PRO A 226 22.29 -2.58 -9.02
C PRO A 226 21.06 -1.73 -9.31
N ALA A 227 20.54 -1.06 -8.28
CA ALA A 227 19.38 -0.20 -8.43
C ALA A 227 19.74 1.21 -8.89
N ALA A 228 20.99 1.44 -9.29
CA ALA A 228 21.41 2.79 -9.73
C ALA A 228 20.83 3.20 -11.08
N ASN A 229 20.97 2.33 -12.09
CA ASN A 229 20.47 2.59 -13.44
C ASN A 229 20.06 1.27 -14.10
N PRO A 230 19.07 0.57 -13.50
CA PRO A 230 18.59 -0.71 -14.04
C PRO A 230 17.91 -0.72 -15.41
N ASN A 231 17.51 0.44 -15.90
CA ASN A 231 16.86 0.50 -17.21
C ASN A 231 17.86 0.80 -18.32
N ASN A 232 19.05 1.24 -17.93
CA ASN A 232 20.12 1.54 -18.87
C ASN A 232 19.64 2.29 -20.12
N GLY A 233 18.94 3.40 -19.89
CA GLY A 233 18.45 4.23 -20.98
C GLY A 233 17.24 3.74 -21.76
N LYS A 234 16.90 2.47 -21.62
CA LYS A 234 15.75 1.90 -22.31
C LYS A 234 14.44 2.48 -21.79
N GLU A 235 13.43 2.55 -22.64
CA GLU A 235 12.13 3.06 -22.21
C GLU A 235 11.40 1.93 -21.51
N TYR A 236 11.74 0.70 -21.89
CA TYR A 236 11.12 -0.48 -21.32
C TYR A 236 11.85 -1.72 -21.71
N TYR A 237 11.62 -2.71 -20.88
CA TYR A 237 12.11 -4.07 -21.12
C TYR A 237 10.94 -4.85 -21.66
N GLU A 238 11.20 -5.76 -22.58
CA GLU A 238 10.08 -6.49 -23.21
C GLU A 238 10.19 -8.01 -23.15
N VAL A 239 9.06 -8.63 -22.83
CA VAL A 239 8.93 -10.08 -22.75
C VAL A 239 7.65 -10.46 -23.49
N ALA A 240 7.76 -11.36 -24.45
CA ALA A 240 6.59 -11.78 -25.21
C ALA A 240 6.15 -13.13 -24.70
N GLY A 241 4.84 -13.35 -24.66
CA GLY A 241 4.32 -14.62 -24.20
C GLY A 241 2.89 -14.86 -24.59
N ARG A 242 2.23 -15.73 -23.83
CA ARG A 242 0.85 -16.07 -24.09
C ARG A 242 0.31 -16.84 -22.92
N PHE A 243 -0.98 -16.69 -22.66
CA PHE A 243 -1.59 -17.41 -21.56
C PHE A 243 -2.94 -17.97 -21.98
N SER A 244 -3.40 -18.93 -21.21
CA SER A 244 -4.67 -19.60 -21.44
C SER A 244 -5.23 -19.86 -20.05
N LEU A 245 -6.51 -19.55 -19.86
CA LEU A 245 -7.11 -19.77 -18.56
C LEU A 245 -8.61 -19.83 -18.66
N ILE A 246 -9.22 -20.35 -17.62
CA ILE A 246 -10.67 -20.45 -17.54
C ILE A 246 -11.07 -19.52 -16.42
N SER A 247 -11.86 -18.51 -16.76
CA SER A 247 -12.30 -17.53 -15.78
C SER A 247 -13.80 -17.59 -15.58
N LEU A 248 -14.22 -17.63 -14.32
CA LEU A 248 -15.64 -17.65 -14.01
C LEU A 248 -16.05 -16.18 -13.86
N VAL A 249 -16.84 -15.67 -14.80
CA VAL A 249 -17.24 -14.28 -14.77
C VAL A 249 -18.74 -14.06 -14.88
N PRO A 250 -19.21 -12.88 -14.49
CA PRO A 250 -20.65 -12.58 -14.55
C PRO A 250 -21.12 -12.73 -16.00
N SER A 251 -22.35 -13.17 -16.17
CA SER A 251 -22.90 -13.34 -17.52
C SER A 251 -23.34 -12.03 -18.15
N ASN A 252 -23.89 -11.13 -17.31
CA ASN A 252 -24.33 -9.78 -17.77
C ASN A 252 -23.40 -8.70 -17.21
N SER B 19 -39.67 -4.53 -17.55
CA SER B 19 -38.61 -4.84 -16.55
C SER B 19 -38.85 -4.02 -15.29
N HIS B 20 -37.79 -3.83 -14.50
CA HIS B 20 -37.92 -3.07 -13.25
C HIS B 20 -38.12 -1.57 -13.47
N MET B 21 -38.84 -0.97 -12.54
CA MET B 21 -39.16 0.46 -12.57
C MET B 21 -38.79 1.11 -11.24
N ARG B 22 -38.38 2.38 -11.30
CA ARG B 22 -38.04 3.11 -10.09
C ARG B 22 -39.29 3.64 -9.41
N ALA B 23 -39.21 3.86 -8.10
CA ALA B 23 -40.35 4.37 -7.35
C ALA B 23 -39.98 5.54 -6.43
N GLN B 24 -38.75 5.51 -5.91
CA GLN B 24 -38.27 6.56 -5.02
C GLN B 24 -36.76 6.81 -5.13
N ALA B 25 -36.29 7.87 -4.46
CA ALA B 25 -34.89 8.26 -4.48
C ALA B 25 -33.93 7.19 -3.93
N ASN B 26 -34.28 6.61 -2.79
CA ASN B 26 -33.44 5.57 -2.18
C ASN B 26 -34.21 4.27 -2.18
N GLU B 27 -33.68 3.28 -2.89
CA GLU B 27 -34.36 2.00 -2.99
C GLU B 27 -33.45 0.92 -3.51
N ASP B 28 -33.87 -0.32 -3.23
CA ASP B 28 -33.18 -1.48 -3.71
C ASP B 28 -34.17 -2.20 -4.57
N ILE B 29 -33.85 -2.48 -5.82
CA ILE B 29 -34.82 -3.13 -6.70
C ILE B 29 -34.27 -4.44 -7.22
N VAL B 30 -35.03 -5.50 -7.04
CA VAL B 30 -34.60 -6.80 -7.53
C VAL B 30 -34.74 -6.81 -9.04
N VAL B 31 -33.62 -6.97 -9.73
CA VAL B 31 -33.60 -7.01 -11.18
C VAL B 31 -33.74 -8.48 -11.58
N SER B 32 -33.03 -9.34 -10.85
CA SER B 32 -33.06 -10.77 -11.11
C SER B 32 -32.65 -11.54 -9.85
N LYS B 33 -33.11 -12.78 -9.74
CA LYS B 33 -32.82 -13.57 -8.56
C LYS B 33 -32.70 -15.07 -8.78
N THR B 34 -31.64 -15.66 -8.24
CA THR B 34 -31.43 -17.10 -8.34
C THR B 34 -31.25 -17.58 -6.90
N SER B 35 -30.94 -18.86 -6.70
CA SER B 35 -30.78 -19.38 -5.34
C SER B 35 -29.52 -18.96 -4.56
N LEU B 36 -28.47 -18.51 -5.23
CA LEU B 36 -27.27 -18.08 -4.52
C LEU B 36 -26.86 -16.68 -4.93
N TRP B 37 -27.35 -16.23 -6.09
CA TRP B 37 -27.02 -14.91 -6.60
C TRP B 37 -28.24 -14.11 -7.01
N LYS B 38 -28.06 -12.78 -7.06
CA LYS B 38 -29.14 -11.89 -7.47
C LYS B 38 -28.57 -10.57 -7.90
N GLU B 39 -29.26 -9.93 -8.85
CA GLU B 39 -28.87 -8.63 -9.36
C GLU B 39 -29.80 -7.62 -8.72
N MET B 40 -29.22 -6.72 -7.95
CA MET B 40 -29.98 -5.68 -7.27
C MET B 40 -29.66 -4.32 -7.85
N GLN B 41 -30.67 -3.47 -8.02
CA GLN B 41 -30.37 -2.14 -8.48
C GLN B 41 -30.47 -1.28 -7.25
N TYR B 42 -29.39 -0.55 -6.96
CA TYR B 42 -29.33 0.30 -5.80
C TYR B 42 -29.30 1.74 -6.26
N ASN B 43 -30.23 2.52 -5.76
CA ASN B 43 -30.34 3.92 -6.09
C ASN B 43 -30.21 4.66 -4.78
N ARG B 44 -29.36 5.67 -4.75
CA ARG B 44 -29.14 6.40 -3.52
C ARG B 44 -28.79 7.86 -3.69
N ASP B 45 -29.22 8.66 -2.73
CA ASP B 45 -28.84 10.05 -2.66
C ASP B 45 -27.59 10.01 -1.83
N ILE B 46 -26.50 10.64 -2.22
CA ILE B 46 -25.34 10.63 -1.34
C ILE B 46 -24.80 12.01 -1.08
N THR B 47 -24.26 12.17 0.08
CA THR B 47 -23.64 13.37 0.55
C THR B 47 -22.20 12.97 0.76
N ILE B 48 -21.33 13.43 -0.13
CA ILE B 48 -19.94 13.09 -0.04
C ILE B 48 -19.16 14.16 0.68
N ARG B 49 -18.65 13.82 1.86
CA ARG B 49 -17.87 14.78 2.62
C ARG B 49 -16.45 14.27 2.71
N PHE B 50 -15.49 15.13 2.38
CA PHE B 50 -14.10 14.72 2.39
C PHE B 50 -13.19 15.90 2.72
N LYS B 51 -11.91 15.60 2.88
CA LYS B 51 -10.93 16.63 3.17
C LYS B 51 -9.57 16.18 2.69
N PHE B 52 -8.65 17.14 2.56
CA PHE B 52 -7.30 16.80 2.13
C PHE B 52 -6.45 16.68 3.38
N ALA B 53 -5.20 16.28 3.18
CA ALA B 53 -4.23 16.14 4.27
C ALA B 53 -2.90 16.54 3.63
N SER B 54 -1.99 17.07 4.44
CA SER B 54 -0.69 17.47 3.91
C SER B 54 0.44 17.04 4.85
N SER B 55 1.60 16.81 4.26
CA SER B 55 2.77 16.45 5.03
C SER B 55 3.70 17.63 4.84
N ILE B 56 3.97 18.35 5.92
CA ILE B 56 4.85 19.50 5.86
C ILE B 56 6.09 19.21 6.70
N VAL B 57 7.26 19.30 6.08
CA VAL B 57 8.51 18.99 6.77
C VAL B 57 9.55 20.11 6.75
N LYS B 58 10.10 20.44 7.90
CA LYS B 58 11.11 21.47 7.99
C LYS B 58 12.49 20.91 7.71
N SER B 59 13.35 21.75 7.12
CA SER B 59 14.73 21.40 6.90
C SER B 59 15.44 21.53 8.23
N GLY B 60 16.05 20.43 8.65
CA GLY B 60 16.80 20.45 9.89
C GLY B 60 17.87 21.54 9.85
N GLY B 61 18.72 21.56 10.85
CA GLY B 61 19.78 22.53 10.79
C GLY B 61 19.58 23.76 11.67
N LEU B 62 18.46 24.50 11.54
CA LEU B 62 18.30 25.72 12.36
C LEU B 62 16.87 26.24 12.40
N GLY B 63 16.30 26.48 11.22
CA GLY B 63 14.94 26.96 11.16
C GLY B 63 14.52 27.86 10.00
N TYR B 64 15.31 28.05 8.90
CA TYR B 64 14.71 28.90 7.89
C TYR B 64 14.31 28.11 6.64
N LYS B 65 14.44 26.78 6.69
CA LYS B 65 14.17 26.01 5.52
C LYS B 65 13.18 24.81 5.70
N TRP B 66 12.34 24.65 4.72
CA TRP B 66 11.33 23.62 4.66
C TRP B 66 11.72 22.73 3.47
N SER B 67 11.61 21.42 3.59
CA SER B 67 11.97 20.54 2.49
C SER B 67 10.76 19.97 1.78
N GLU B 68 9.60 19.96 2.43
CA GLU B 68 8.43 19.38 1.78
C GLU B 68 7.06 19.80 2.27
N ILE B 69 6.17 19.98 1.34
CA ILE B 69 4.76 20.31 1.53
C ILE B 69 4.05 19.56 0.44
N SER B 70 3.52 18.39 0.77
CA SER B 70 2.84 17.56 -0.22
C SER B 70 1.49 17.07 0.28
N PHE B 71 0.67 16.57 -0.65
CA PHE B 71 -0.64 16.04 -0.28
C PHE B 71 -0.47 14.60 0.15
N LYS B 72 -1.33 14.16 1.06
CA LYS B 72 -1.32 12.78 1.51
C LYS B 72 -2.78 12.42 1.68
N PRO B 73 -3.15 11.16 1.40
CA PRO B 73 -4.53 10.71 1.54
C PRO B 73 -5.14 11.06 2.90
N ALA B 74 -6.44 11.32 2.92
CA ALA B 74 -7.12 11.68 4.16
C ALA B 74 -8.46 10.97 4.31
N ASN B 75 -8.69 10.43 5.50
CA ASN B 75 -9.95 9.73 5.79
C ASN B 75 -10.90 10.67 6.50
N TYR B 76 -12.19 10.41 6.38
CA TYR B 76 -13.19 11.21 7.06
C TYR B 76 -14.42 10.35 7.34
N GLN B 77 -14.86 10.34 8.59
CA GLN B 77 -16.03 9.58 9.00
C GLN B 77 -17.10 10.54 9.44
N TYR B 78 -18.34 10.28 9.02
CA TYR B 78 -19.43 11.17 9.35
C TYR B 78 -20.76 10.47 9.18
N THR B 79 -21.81 11.16 9.59
CA THR B 79 -23.15 10.64 9.47
C THR B 79 -24.01 11.76 8.92
N TYR B 80 -25.07 11.40 8.24
CA TYR B 80 -26.00 12.37 7.72
C TYR B 80 -27.35 11.69 7.60
N THR B 81 -28.37 12.45 7.26
CA THR B 81 -29.71 11.91 7.14
C THR B 81 -30.12 11.63 5.71
N ARG B 82 -30.89 10.56 5.52
CA ARG B 82 -31.36 10.16 4.20
C ARG B 82 -32.71 9.49 4.41
N ASP B 83 -33.79 10.22 4.15
CA ASP B 83 -35.14 9.69 4.35
C ASP B 83 -35.48 9.47 5.83
N GLY B 84 -35.00 10.34 6.71
CA GLY B 84 -35.30 10.19 8.12
C GLY B 84 -34.40 9.23 8.90
N GLU B 85 -33.58 8.45 8.20
CA GLU B 85 -32.67 7.51 8.85
C GLU B 85 -31.25 8.08 8.90
N GLU B 86 -30.45 7.60 9.84
CA GLU B 86 -29.08 8.07 9.98
C GLU B 86 -28.15 7.20 9.15
N VAL B 87 -27.40 7.85 8.28
CA VAL B 87 -26.43 7.19 7.42
C VAL B 87 -25.01 7.40 7.94
N THR B 88 -24.24 6.32 7.98
CA THR B 88 -22.84 6.39 8.40
C THR B 88 -21.98 6.17 7.15
N ALA B 89 -21.11 7.13 6.86
CA ALA B 89 -20.25 7.06 5.69
C ALA B 89 -18.77 7.23 6.03
N HIS B 90 -17.91 6.79 5.11
CA HIS B 90 -16.46 6.87 5.28
C HIS B 90 -15.81 7.18 3.93
N THR B 91 -15.01 8.23 3.88
CA THR B 91 -14.36 8.61 2.62
C THR B 91 -12.85 8.69 2.76
N THR B 92 -12.18 8.54 1.62
CA THR B 92 -10.73 8.62 1.54
C THR B 92 -10.42 9.48 0.33
N CYS B 93 -9.77 10.62 0.56
CA CYS B 93 -9.42 11.54 -0.50
C CYS B 93 -7.95 11.44 -0.88
N SER B 94 -7.68 11.23 -2.16
CA SER B 94 -6.30 11.13 -2.66
C SER B 94 -6.17 12.02 -3.91
N VAL B 95 -4.94 12.40 -4.25
CA VAL B 95 -4.69 13.22 -5.42
C VAL B 95 -3.57 12.63 -6.26
N ASN B 96 -3.57 12.97 -7.55
CA ASN B 96 -2.53 12.50 -8.46
C ASN B 96 -2.28 13.61 -9.48
N GLY B 97 -1.15 13.53 -10.18
CA GLY B 97 -0.81 14.55 -11.16
C GLY B 97 -0.49 15.89 -10.54
N MET B 98 -0.11 15.91 -9.26
CA MET B 98 0.23 17.18 -8.64
C MET B 98 1.45 17.75 -9.34
N ASN B 99 1.66 19.06 -9.19
CA ASN B 99 2.80 19.74 -9.80
C ASN B 99 3.77 20.19 -8.73
N ASP B 100 5.07 20.03 -8.98
CA ASP B 100 6.09 20.44 -8.03
C ASP B 100 6.58 21.86 -8.20
N PHE B 101 6.54 22.64 -7.13
CA PHE B 101 7.02 24.00 -7.12
C PHE B 101 8.03 24.08 -5.99
N ASN B 102 8.79 25.17 -5.96
CA ASN B 102 9.79 25.37 -4.92
C ASN B 102 10.08 26.85 -4.84
N PHE B 103 10.76 27.25 -3.77
CA PHE B 103 11.16 28.63 -3.61
C PHE B 103 12.53 28.60 -3.01
N ASN B 104 13.47 29.25 -3.67
CA ASN B 104 14.83 29.31 -3.16
C ASN B 104 15.30 30.74 -3.03
N GLY B 105 15.30 31.24 -1.79
CA GLY B 105 15.73 32.60 -1.55
C GLY B 105 17.14 32.66 -0.98
N GLY B 106 17.97 31.70 -1.36
CA GLY B 106 19.35 31.68 -0.87
C GLY B 106 19.79 30.34 -0.30
N SER B 107 21.10 30.10 -0.29
CA SER B 107 21.66 28.84 0.22
C SER B 107 22.20 28.99 1.64
N LEU B 108 22.43 30.23 2.05
CA LEU B 108 22.95 30.50 3.39
C LEU B 108 21.95 30.04 4.47
N PRO B 109 22.47 29.59 5.64
CA PRO B 109 21.55 29.12 6.66
C PRO B 109 20.32 30.04 6.91
N THR B 110 20.51 31.34 6.75
CA THR B 110 19.41 32.27 7.03
C THR B 110 18.62 32.69 5.81
N ASP B 111 18.55 31.85 4.78
CA ASP B 111 17.77 32.18 3.58
C ASP B 111 16.50 31.33 3.55
N PHE B 112 15.37 31.96 3.26
CA PHE B 112 14.10 31.25 3.24
C PHE B 112 14.07 30.23 2.12
N VAL B 113 13.76 28.98 2.46
CA VAL B 113 13.72 27.90 1.46
C VAL B 113 12.67 26.76 1.66
N ILE B 114 11.88 26.49 0.64
CA ILE B 114 10.95 25.38 0.61
C ILE B 114 11.41 24.60 -0.59
N SER B 115 12.07 23.49 -0.39
CA SER B 115 12.59 22.65 -1.49
C SER B 115 11.58 22.09 -2.48
N ARG B 116 10.36 21.84 -2.02
CA ARG B 116 9.33 21.28 -2.89
C ARG B 116 7.95 21.35 -2.25
N TYR B 117 6.99 21.96 -2.95
CA TYR B 117 5.62 22.01 -2.47
C TYR B 117 4.73 21.70 -3.67
N GLU B 118 3.76 20.83 -3.46
CA GLU B 118 2.87 20.41 -4.53
C GLU B 118 1.66 21.29 -4.69
N VAL B 119 1.23 21.39 -5.94
CA VAL B 119 0.08 22.20 -6.31
C VAL B 119 -0.75 21.40 -7.31
N ILE B 120 -2.06 21.31 -7.08
CA ILE B 120 -2.90 20.59 -8.02
C ILE B 120 -3.52 21.62 -8.96
N LYS B 121 -3.49 21.29 -10.25
CA LYS B 121 -4.01 22.17 -11.29
C LYS B 121 -4.90 21.39 -12.25
N GLU B 122 -5.11 21.92 -13.45
CA GLU B 122 -5.98 21.27 -14.42
C GLU B 122 -5.47 19.92 -14.93
N ASN B 123 -4.19 19.65 -14.68
CA ASN B 123 -3.61 18.38 -15.11
C ASN B 123 -3.62 17.37 -13.96
N SER B 124 -4.25 17.73 -12.84
CA SER B 124 -4.32 16.84 -11.68
C SER B 124 -5.73 16.29 -11.52
N TYR B 125 -5.84 15.27 -10.67
CA TYR B 125 -7.12 14.64 -10.38
C TYR B 125 -7.25 14.47 -8.87
N VAL B 126 -8.45 14.64 -8.37
CA VAL B 126 -8.73 14.43 -6.96
C VAL B 126 -9.64 13.21 -6.96
N TYR B 127 -9.35 12.21 -6.14
CA TYR B 127 -10.21 11.05 -6.09
C TYR B 127 -10.82 10.94 -4.70
N VAL B 128 -12.12 10.65 -4.64
CA VAL B 128 -12.77 10.49 -3.35
C VAL B 128 -13.46 9.12 -3.32
N ASP B 129 -12.98 8.24 -2.45
CA ASP B 129 -13.58 6.91 -2.30
C ASP B 129 -14.72 7.08 -1.28
N TYR B 130 -15.87 6.50 -1.58
CA TYR B 130 -17.02 6.61 -0.70
C TYR B 130 -17.63 5.27 -0.32
N TRP B 131 -18.05 5.17 0.95
CA TRP B 131 -18.70 3.98 1.49
C TRP B 131 -19.67 4.46 2.55
N ASP B 132 -20.79 3.77 2.70
CA ASP B 132 -21.73 4.06 3.78
C ASP B 132 -22.31 2.73 4.21
N ASP B 133 -22.92 2.70 5.40
CA ASP B 133 -23.43 1.43 5.92
C ASP B 133 -24.74 0.88 5.35
N SER B 134 -25.24 1.46 4.25
CA SER B 134 -26.49 0.97 3.66
C SER B 134 -26.25 -0.31 2.87
N GLN B 135 -27.34 -0.96 2.47
CA GLN B 135 -27.25 -2.23 1.74
C GLN B 135 -26.45 -2.18 0.44
N ALA B 136 -26.53 -1.07 -0.27
CA ALA B 136 -25.85 -0.89 -1.56
C ALA B 136 -24.36 -1.18 -1.56
N PHE B 137 -23.68 -0.90 -0.46
CA PHE B 137 -22.24 -1.13 -0.40
C PHE B 137 -21.88 -2.54 0.06
N ARG B 138 -22.87 -3.26 0.56
CA ARG B 138 -22.66 -4.62 1.03
C ARG B 138 -22.32 -5.44 -0.20
N ASN B 139 -21.26 -6.22 -0.11
CA ASN B 139 -20.79 -7.05 -1.22
C ASN B 139 -20.67 -6.43 -2.62
N MET B 140 -20.48 -5.11 -2.72
CA MET B 140 -20.33 -4.45 -4.02
C MET B 140 -19.02 -4.85 -4.72
N VAL B 141 -19.11 -5.79 -5.66
CA VAL B 141 -17.93 -6.28 -6.35
C VAL B 141 -18.10 -6.30 -7.87
N TYR B 142 -19.31 -6.62 -8.31
CA TYR B 142 -19.62 -6.70 -9.74
C TYR B 142 -20.73 -5.69 -10.04
N VAL B 143 -20.35 -4.54 -10.58
CA VAL B 143 -21.30 -3.48 -10.88
C VAL B 143 -21.37 -3.09 -12.36
N ARG B 144 -22.56 -2.69 -12.78
CA ARG B 144 -22.79 -2.26 -14.16
C ARG B 144 -23.91 -1.22 -14.13
N SER B 145 -24.10 -0.51 -15.24
CA SER B 145 -25.12 0.52 -15.31
C SER B 145 -24.88 1.55 -14.21
N LEU B 146 -23.61 1.77 -13.92
CA LEU B 146 -23.18 2.71 -12.88
C LEU B 146 -23.29 4.17 -13.34
N ALA B 147 -24.10 4.97 -12.63
CA ALA B 147 -24.27 6.37 -12.98
C ALA B 147 -24.39 7.25 -11.75
N ALA B 148 -23.89 8.47 -11.84
CA ALA B 148 -23.94 9.40 -10.72
C ALA B 148 -24.04 10.86 -11.15
N ASN B 149 -24.80 11.64 -10.38
CA ASN B 149 -24.97 13.06 -10.62
C ASN B 149 -24.47 13.75 -9.36
N LEU B 150 -23.39 14.51 -9.50
CA LEU B 150 -22.82 15.20 -8.35
C LEU B 150 -22.65 16.69 -8.61
N ASN B 151 -22.84 17.50 -7.57
CA ASN B 151 -22.65 18.93 -7.69
C ASN B 151 -21.16 19.12 -7.81
N SER B 152 -20.75 20.33 -8.20
CA SER B 152 -19.35 20.66 -8.30
C SER B 152 -19.00 21.26 -6.95
N VAL B 153 -17.72 21.33 -6.62
CA VAL B 153 -17.33 21.93 -5.36
C VAL B 153 -16.05 22.72 -5.56
N ILE B 154 -15.96 23.87 -4.89
CA ILE B 154 -14.80 24.73 -5.00
C ILE B 154 -13.92 24.61 -3.76
N CYS B 155 -12.64 24.32 -3.98
CA CYS B 155 -11.68 24.19 -2.89
C CYS B 155 -10.71 25.36 -2.93
N THR B 156 -10.60 26.08 -1.82
CA THR B 156 -9.68 27.22 -1.78
C THR B 156 -8.60 27.04 -0.72
N GLY B 157 -7.45 27.64 -0.96
CA GLY B 157 -6.36 27.50 -0.01
C GLY B 157 -6.37 28.54 1.09
N GLY B 158 -6.14 28.09 2.32
CA GLY B 158 -6.08 28.98 3.45
C GLY B 158 -4.66 29.48 3.53
N ASP B 159 -4.36 30.31 4.52
CA ASP B 159 -3.02 30.84 4.69
C ASP B 159 -2.10 29.88 5.42
N TYR B 160 -0.81 30.02 5.17
CA TYR B 160 0.18 29.20 5.84
C TYR B 160 1.41 30.06 6.08
N SER B 161 1.67 30.37 7.33
CA SER B 161 2.81 31.19 7.70
C SER B 161 4.07 30.38 7.88
N PHE B 162 5.15 30.84 7.28
CA PHE B 162 6.49 30.27 7.42
C PHE B 162 7.17 31.10 8.46
N ALA B 163 6.97 30.66 9.69
CA ALA B 163 7.49 31.35 10.84
C ALA B 163 8.96 31.13 10.85
N LEU B 164 9.65 32.23 10.92
CA LEU B 164 11.08 32.09 10.87
C LEU B 164 11.73 32.67 12.11
N PRO B 165 13.03 32.59 12.10
CA PRO B 165 13.84 33.20 13.16
C PRO B 165 13.56 34.67 13.28
N VAL B 166 13.94 35.38 12.25
CA VAL B 166 13.78 36.79 12.21
C VAL B 166 13.41 37.28 10.84
N GLY B 167 12.79 38.44 10.84
CA GLY B 167 12.37 39.03 9.58
C GLY B 167 10.88 38.87 9.59
N GLN B 168 10.21 39.59 8.72
CA GLN B 168 8.77 39.52 8.65
C GLN B 168 8.47 38.17 7.97
N TRP B 169 7.52 37.42 8.51
CA TRP B 169 7.16 36.09 8.01
C TRP B 169 6.47 35.98 6.65
N PRO B 170 6.95 35.05 5.81
CA PRO B 170 6.35 34.85 4.50
C PRO B 170 5.08 34.06 4.77
N VAL B 171 4.08 34.20 3.92
CA VAL B 171 2.83 33.48 4.09
C VAL B 171 2.28 32.99 2.76
N MET B 172 2.10 31.68 2.65
CA MET B 172 1.54 31.14 1.42
C MET B 172 0.06 31.45 1.52
N THR B 173 -0.47 32.16 0.53
CA THR B 173 -1.87 32.53 0.57
C THR B 173 -2.57 32.43 -0.78
N GLY B 174 -3.85 32.04 -0.73
CA GLY B 174 -4.63 31.95 -1.94
C GLY B 174 -4.66 30.60 -2.64
N GLY B 175 -5.14 30.60 -3.88
CA GLY B 175 -5.23 29.37 -4.63
C GLY B 175 -6.65 28.82 -4.62
N ALA B 176 -7.06 28.23 -5.74
CA ALA B 176 -8.40 27.68 -5.83
C ALA B 176 -8.62 26.83 -7.09
N VAL B 177 -9.41 25.78 -6.93
CA VAL B 177 -9.76 24.89 -8.03
C VAL B 177 -11.19 24.42 -7.81
N SER B 178 -11.88 24.11 -8.90
CA SER B 178 -13.24 23.60 -8.77
C SER B 178 -13.15 22.16 -9.26
N LEU B 179 -13.81 21.27 -8.52
CA LEU B 179 -13.82 19.85 -8.85
C LEU B 179 -15.08 19.49 -9.61
N HIS B 180 -14.90 18.75 -10.70
CA HIS B 180 -16.04 18.35 -11.52
C HIS B 180 -16.00 16.84 -11.72
N SER B 181 -17.07 16.15 -11.37
CA SER B 181 -17.14 14.70 -11.53
C SER B 181 -16.70 14.26 -12.92
N ALA B 182 -15.81 13.29 -12.98
CA ALA B 182 -15.31 12.79 -14.26
C ALA B 182 -15.09 11.29 -14.24
N GLY B 183 -16.14 10.54 -13.92
CA GLY B 183 -16.01 9.09 -13.89
C GLY B 183 -16.06 8.48 -12.50
N VAL B 184 -16.53 7.23 -12.44
CA VAL B 184 -16.63 6.48 -11.20
C VAL B 184 -16.19 5.05 -11.45
N THR B 185 -15.53 4.45 -10.47
CA THR B 185 -15.11 3.06 -10.59
C THR B 185 -15.17 2.41 -9.20
N LEU B 186 -15.06 1.09 -9.15
CA LEU B 186 -15.10 0.44 -7.86
C LEU B 186 -13.73 0.55 -7.20
N SER B 187 -13.70 0.53 -5.87
CA SER B 187 -12.44 0.60 -5.14
C SER B 187 -12.66 0.01 -3.77
N THR B 188 -11.58 -0.08 -3.01
CA THR B 188 -11.63 -0.60 -1.66
C THR B 188 -10.92 0.40 -0.77
N GLN B 189 -11.52 0.69 0.38
CA GLN B 189 -10.89 1.56 1.34
C GLN B 189 -10.31 0.61 2.39
N PHE B 190 -9.00 0.49 2.42
CA PHE B 190 -8.32 -0.41 3.36
C PHE B 190 -8.08 0.28 4.69
N THR B 191 -9.01 0.14 5.63
CA THR B 191 -8.83 0.76 6.95
C THR B 191 -7.98 -0.18 7.80
N ASP B 192 -7.76 0.17 9.06
CA ASP B 192 -6.95 -0.66 9.94
C ASP B 192 -7.55 -2.04 10.19
N PHE B 193 -8.87 -2.12 10.14
CA PHE B 193 -9.56 -3.38 10.40
C PHE B 193 -10.35 -3.84 9.17
N VAL B 194 -11.54 -3.30 8.96
CA VAL B 194 -12.37 -3.70 7.83
C VAL B 194 -11.94 -3.09 6.49
N SER B 195 -12.13 -3.83 5.40
CA SER B 195 -11.80 -3.34 4.07
C SER B 195 -13.15 -3.00 3.44
N LEU B 196 -13.40 -1.70 3.26
CA LEU B 196 -14.69 -1.23 2.73
C LEU B 196 -14.88 -1.22 1.21
N ASN B 197 -15.93 -1.92 0.74
CA ASN B 197 -16.24 -1.95 -0.69
C ASN B 197 -16.77 -0.56 -0.99
N SER B 198 -16.08 0.16 -1.87
CA SER B 198 -16.48 1.52 -2.16
C SER B 198 -16.59 1.90 -3.63
N LEU B 199 -16.96 3.15 -3.83
CA LEU B 199 -17.07 3.74 -5.16
C LEU B 199 -16.02 4.86 -5.14
N ARG B 200 -15.17 4.90 -6.16
CA ARG B 200 -14.16 5.94 -6.25
C ARG B 200 -14.60 6.96 -7.29
N PHE B 201 -14.84 8.18 -6.82
CA PHE B 201 -15.26 9.27 -7.69
C PHE B 201 -14.04 10.08 -8.08
N ARG B 202 -13.82 10.21 -9.38
CA ARG B 202 -12.70 10.99 -9.91
C ARG B 202 -13.24 12.37 -10.22
N PHE B 203 -12.47 13.39 -9.87
CA PHE B 203 -12.87 14.77 -10.12
C PHE B 203 -11.75 15.42 -10.92
N ARG B 204 -12.10 15.99 -12.08
CA ARG B 204 -11.09 16.69 -12.86
C ARG B 204 -11.12 18.09 -12.26
N LEU B 205 -10.10 18.89 -12.51
CA LEU B 205 -10.09 20.21 -11.93
C LEU B 205 -9.99 21.36 -12.91
N THR B 206 -10.52 22.50 -12.49
CA THR B 206 -10.47 23.73 -13.26
C THR B 206 -9.91 24.75 -12.28
N VAL B 207 -8.84 25.44 -12.65
CA VAL B 207 -8.28 26.43 -11.74
C VAL B 207 -9.23 27.62 -11.66
N GLU B 208 -9.32 28.20 -10.46
CA GLU B 208 -10.21 29.32 -10.20
C GLU B 208 -9.48 30.47 -9.53
N GLU B 209 -10.15 31.61 -9.44
CA GLU B 209 -9.61 32.79 -8.79
C GLU B 209 -9.87 32.51 -7.31
N PRO B 210 -9.02 33.04 -6.41
CA PRO B 210 -7.85 33.87 -6.72
C PRO B 210 -6.61 33.00 -6.90
N SER B 211 -5.56 33.60 -7.46
CA SER B 211 -4.30 32.90 -7.64
C SER B 211 -3.65 32.79 -6.25
N PHE B 212 -2.55 32.08 -6.14
CA PHE B 212 -1.91 32.00 -4.84
C PHE B 212 -0.57 32.73 -4.88
N SER B 213 -0.03 33.06 -3.72
CA SER B 213 1.26 33.74 -3.69
C SER B 213 1.93 33.52 -2.35
N ILE B 214 3.13 34.06 -2.20
CA ILE B 214 3.87 33.95 -0.94
C ILE B 214 4.30 35.36 -0.55
N THR B 215 3.70 35.93 0.49
CA THR B 215 4.05 37.27 0.92
C THR B 215 5.53 37.36 1.29
N ARG B 216 6.15 38.50 0.96
CA ARG B 216 7.54 38.77 1.27
C ARG B 216 8.47 38.01 0.33
N THR B 217 7.99 37.79 -0.90
CA THR B 217 8.74 37.10 -1.95
C THR B 217 8.24 37.59 -3.32
N ARG B 218 8.88 37.13 -4.40
CA ARG B 218 8.46 37.50 -5.76
C ARG B 218 7.53 36.47 -6.38
N VAL B 219 6.97 35.61 -5.53
CA VAL B 219 6.06 34.56 -6.00
C VAL B 219 4.61 35.03 -5.85
N SER B 220 3.95 35.16 -6.99
CA SER B 220 2.57 35.60 -7.03
C SER B 220 1.89 35.24 -8.35
N ARG B 221 0.57 35.44 -8.38
CA ARG B 221 -0.25 35.20 -9.56
C ARG B 221 -0.11 33.80 -10.14
N LEU B 222 0.03 32.81 -9.28
CA LEU B 222 0.13 31.42 -9.70
C LEU B 222 -1.24 30.80 -9.46
N TYR B 223 -1.70 29.96 -10.37
CA TYR B 223 -3.01 29.34 -10.23
C TYR B 223 -2.97 27.85 -9.86
N GLY B 224 -3.88 27.47 -8.99
CA GLY B 224 -3.95 26.10 -8.52
C GLY B 224 -4.08 26.08 -7.00
N LEU B 225 -4.20 24.89 -6.43
CA LEU B 225 -4.35 24.75 -4.99
C LEU B 225 -3.11 24.11 -4.36
N PRO B 226 -2.33 24.90 -3.61
CA PRO B 226 -1.11 24.42 -2.95
C PRO B 226 -1.47 23.45 -1.83
N ALA B 227 -0.51 22.58 -1.47
CA ALA B 227 -0.74 21.61 -0.40
C ALA B 227 -0.54 22.18 1.01
N ALA B 228 -0.24 23.47 1.13
CA ALA B 228 -0.01 24.10 2.44
C ALA B 228 -1.21 24.10 3.37
N ASN B 229 -2.36 24.58 2.90
CA ASN B 229 -3.56 24.63 3.72
C ASN B 229 -4.77 24.54 2.77
N PRO B 230 -4.90 23.39 2.09
CA PRO B 230 -5.98 23.11 1.13
C PRO B 230 -7.40 23.09 1.67
N ASN B 231 -7.54 22.86 2.98
CA ASN B 231 -8.88 22.82 3.57
C ASN B 231 -9.40 24.18 4.02
N ASN B 232 -8.55 25.20 3.97
CA ASN B 232 -8.93 26.57 4.37
C ASN B 232 -9.77 26.62 5.65
N GLY B 233 -9.38 25.82 6.64
CA GLY B 233 -10.11 25.83 7.91
C GLY B 233 -11.42 25.05 7.98
N LYS B 234 -11.95 24.61 6.84
CA LYS B 234 -13.20 23.86 6.84
C LYS B 234 -12.99 22.48 7.45
N GLU B 235 -14.05 21.95 8.05
CA GLU B 235 -13.96 20.62 8.64
C GLU B 235 -14.00 19.61 7.50
N TYR B 236 -14.67 19.99 6.41
CA TYR B 236 -14.78 19.13 5.23
C TYR B 236 -15.35 19.86 4.02
N TYR B 237 -15.14 19.28 2.85
CA TYR B 237 -15.69 19.77 1.61
C TYR B 237 -16.81 18.84 1.33
N GLU B 238 -17.86 19.31 0.67
CA GLU B 238 -18.97 18.41 0.42
C GLU B 238 -19.47 18.49 -1.00
N VAL B 239 -19.67 17.34 -1.57
CA VAL B 239 -20.23 17.17 -2.89
C VAL B 239 -21.45 16.35 -2.69
N ALA B 240 -22.56 16.72 -3.31
CA ALA B 240 -23.77 15.94 -3.16
C ALA B 240 -24.29 15.48 -4.49
N GLY B 241 -25.25 14.58 -4.44
CA GLY B 241 -25.82 14.07 -5.66
C GLY B 241 -26.67 12.86 -5.36
N ARG B 242 -26.50 11.86 -6.22
CA ARG B 242 -27.24 10.63 -6.11
C ARG B 242 -26.53 9.71 -7.08
N PHE B 243 -26.78 8.42 -6.97
CA PHE B 243 -26.19 7.47 -7.89
C PHE B 243 -27.15 6.31 -8.10
N SER B 244 -26.91 5.57 -9.17
CA SER B 244 -27.72 4.43 -9.50
C SER B 244 -26.79 3.43 -10.15
N LEU B 245 -26.96 2.16 -9.80
CA LEU B 245 -26.12 1.11 -10.35
C LEU B 245 -26.77 -0.23 -10.10
N ILE B 246 -26.33 -1.23 -10.87
CA ILE B 246 -26.84 -2.59 -10.71
C ILE B 246 -25.67 -3.40 -10.16
N SER B 247 -25.91 -4.11 -9.07
CA SER B 247 -24.86 -4.91 -8.44
C SER B 247 -25.21 -6.39 -8.31
N LEU B 248 -24.28 -7.25 -8.72
CA LEU B 248 -24.46 -8.71 -8.65
C LEU B 248 -23.95 -9.20 -7.30
N VAL B 249 -24.89 -9.55 -6.43
CA VAL B 249 -24.56 -9.98 -5.07
C VAL B 249 -25.14 -11.34 -4.67
N PRO B 250 -24.62 -11.92 -3.58
CA PRO B 250 -25.09 -13.21 -3.08
C PRO B 250 -26.54 -13.08 -2.60
N SER B 251 -27.34 -14.13 -2.79
CA SER B 251 -28.73 -14.09 -2.38
C SER B 251 -28.94 -14.18 -0.87
N ASN B 252 -28.12 -14.97 -0.18
CA ASN B 252 -28.25 -15.12 1.26
C ASN B 252 -27.72 -13.90 2.02
N MET C 21 -25.13 -30.31 10.12
CA MET C 21 -24.69 -31.12 11.25
C MET C 21 -23.17 -31.31 11.26
N ARG C 22 -22.55 -31.11 12.42
CA ARG C 22 -21.10 -31.26 12.52
C ARG C 22 -20.64 -32.66 12.93
N ALA C 23 -19.35 -32.93 12.79
CA ALA C 23 -18.78 -34.23 13.14
C ALA C 23 -17.36 -34.14 13.71
N GLN C 24 -16.56 -33.20 13.23
CA GLN C 24 -15.19 -33.07 13.71
C GLN C 24 -14.66 -31.65 13.73
N ALA C 25 -13.50 -31.48 14.36
CA ALA C 25 -12.86 -30.19 14.51
C ALA C 25 -12.52 -29.50 13.17
N ASN C 26 -11.98 -30.28 12.24
CA ASN C 26 -11.62 -29.75 10.93
C ASN C 26 -12.46 -30.44 9.87
N GLU C 27 -13.32 -29.68 9.21
CA GLU C 27 -14.20 -30.26 8.22
C GLU C 27 -14.75 -29.24 7.22
N ASP C 28 -15.26 -29.75 6.12
CA ASP C 28 -15.90 -28.93 5.09
C ASP C 28 -17.25 -29.59 4.89
N ILE C 29 -18.33 -28.83 5.04
CA ILE C 29 -19.66 -29.40 4.87
C ILE C 29 -20.42 -28.60 3.81
N VAL C 30 -20.93 -29.29 2.80
CA VAL C 30 -21.68 -28.62 1.74
C VAL C 30 -23.02 -28.15 2.30
N VAL C 31 -23.27 -26.85 2.23
CA VAL C 31 -24.54 -26.30 2.72
C VAL C 31 -25.56 -26.35 1.59
N SER C 32 -25.15 -25.94 0.39
CA SER C 32 -26.01 -25.98 -0.78
C SER C 32 -25.09 -25.87 -1.98
N LYS C 33 -25.53 -26.39 -3.13
CA LYS C 33 -24.68 -26.37 -4.31
C LYS C 33 -25.40 -26.24 -5.65
N THR C 34 -24.78 -25.50 -6.57
CA THR C 34 -25.31 -25.31 -7.92
C THR C 34 -24.12 -25.60 -8.83
N SER C 35 -24.38 -25.93 -10.08
CA SER C 35 -23.32 -26.29 -11.03
C SER C 35 -22.07 -25.43 -11.00
N LEU C 36 -22.23 -24.14 -10.72
CA LEU C 36 -21.07 -23.26 -10.70
C LEU C 36 -20.69 -22.68 -9.34
N TRP C 37 -21.66 -22.58 -8.44
CA TRP C 37 -21.42 -22.04 -7.11
C TRP C 37 -21.93 -22.95 -6.02
N LYS C 38 -21.30 -22.87 -4.85
CA LYS C 38 -21.69 -23.70 -3.71
C LYS C 38 -21.41 -22.97 -2.40
N GLU C 39 -22.20 -23.28 -1.37
CA GLU C 39 -22.00 -22.69 -0.05
C GLU C 39 -21.38 -23.75 0.86
N MET C 40 -20.20 -23.45 1.38
CA MET C 40 -19.50 -24.39 2.24
C MET C 40 -19.36 -23.92 3.67
N GLN C 41 -19.64 -24.83 4.60
CA GLN C 41 -19.49 -24.54 6.01
C GLN C 41 -18.07 -25.04 6.30
N TYR C 42 -17.17 -24.12 6.65
CA TYR C 42 -15.78 -24.46 6.95
C TYR C 42 -15.47 -24.33 8.42
N ASN C 43 -15.05 -25.42 9.05
CA ASN C 43 -14.68 -25.40 10.46
C ASN C 43 -13.21 -25.80 10.56
N ARG C 44 -12.46 -25.08 11.37
CA ARG C 44 -11.04 -25.35 11.51
C ARG C 44 -10.46 -24.90 12.84
N ASP C 45 -9.55 -25.68 13.35
CA ASP C 45 -8.78 -25.32 14.51
C ASP C 45 -7.56 -24.64 13.90
N ILE C 46 -7.07 -23.57 14.49
CA ILE C 46 -5.92 -22.90 13.92
C ILE C 46 -4.91 -22.50 14.97
N THR C 47 -3.64 -22.53 14.56
CA THR C 47 -2.53 -22.14 15.40
C THR C 47 -1.98 -20.88 14.75
N ILE C 48 -2.16 -19.76 15.43
CA ILE C 48 -1.70 -18.49 14.88
C ILE C 48 -0.35 -18.11 15.46
N ARG C 49 0.65 -18.01 14.59
CA ARG C 49 1.99 -17.61 15.00
C ARG C 49 2.30 -16.32 14.25
N PHE C 50 2.68 -15.29 14.99
CA PHE C 50 2.97 -14.01 14.39
C PHE C 50 4.10 -13.35 15.15
N LYS C 51 4.50 -12.18 14.68
CA LYS C 51 5.56 -11.43 15.33
C LYS C 51 5.47 -9.98 14.90
N PHE C 52 6.20 -9.13 15.61
CA PHE C 52 6.24 -7.71 15.29
C PHE C 52 7.51 -7.43 14.48
N ALA C 53 7.64 -6.19 14.03
CA ALA C 53 8.82 -5.71 13.29
C ALA C 53 8.98 -4.25 13.74
N SER C 54 10.22 -3.76 13.74
CA SER C 54 10.48 -2.40 14.17
C SER C 54 11.39 -1.64 13.21
N SER C 55 11.24 -0.32 13.21
CA SER C 55 12.07 0.55 12.40
C SER C 55 12.79 1.46 13.39
N ILE C 56 14.10 1.24 13.52
CA ILE C 56 14.93 2.01 14.42
C ILE C 56 15.92 2.82 13.57
N VAL C 57 15.73 4.13 13.57
CA VAL C 57 16.53 5.10 12.82
C VAL C 57 17.37 6.01 13.74
N LYS C 58 18.65 6.18 13.40
CA LYS C 58 19.53 7.05 14.18
C LYS C 58 19.56 8.42 13.55
N SER C 59 19.97 9.39 14.36
CA SER C 59 20.05 10.76 13.92
C SER C 59 21.50 11.00 13.51
N GLY C 60 21.77 12.15 12.91
CA GLY C 60 23.13 12.45 12.50
C GLY C 60 24.14 12.63 13.65
N GLY C 61 25.10 13.53 13.45
CA GLY C 61 26.09 13.82 14.47
C GLY C 61 26.98 12.71 15.02
N LEU C 62 27.37 12.85 16.29
CA LEU C 62 28.24 11.88 16.96
C LEU C 62 27.72 10.45 17.13
N GLY C 63 26.42 10.26 17.23
CA GLY C 63 25.90 8.91 17.39
C GLY C 63 25.42 8.60 18.80
N TYR C 64 24.84 9.61 19.44
CA TYR C 64 24.30 9.46 20.80
C TYR C 64 22.81 9.71 20.66
N LYS C 65 22.34 9.77 19.42
CA LYS C 65 20.93 10.02 19.20
C LYS C 65 20.14 9.19 18.22
N TRP C 66 18.94 8.83 18.65
CA TRP C 66 18.02 8.05 17.85
C TRP C 66 16.86 8.97 17.47
N SER C 67 16.41 8.85 16.21
CA SER C 67 15.34 9.66 15.68
C SER C 67 13.97 8.99 15.75
N GLU C 68 13.94 7.67 15.58
CA GLU C 68 12.67 6.96 15.56
C GLU C 68 12.76 5.48 15.95
N ILE C 69 11.73 5.01 16.63
CA ILE C 69 11.61 3.62 17.03
C ILE C 69 10.11 3.37 16.90
N SER C 70 9.73 2.73 15.80
CA SER C 70 8.32 2.49 15.50
C SER C 70 8.05 1.06 15.02
N PHE C 71 6.78 0.65 15.15
CA PHE C 71 6.37 -0.67 14.69
C PHE C 71 6.13 -0.61 13.19
N LYS C 72 6.23 -1.78 12.54
CA LYS C 72 5.95 -1.86 11.12
C LYS C 72 5.41 -3.25 10.90
N PRO C 73 4.56 -3.44 9.88
CA PRO C 73 4.00 -4.77 9.62
C PRO C 73 5.09 -5.83 9.51
N ALA C 74 4.78 -7.04 9.95
CA ALA C 74 5.73 -8.15 9.89
C ALA C 74 5.02 -9.43 9.41
N ASN C 75 5.64 -10.15 8.49
CA ASN C 75 5.07 -11.39 7.97
C ASN C 75 5.73 -12.58 8.69
N TYR C 76 5.07 -13.72 8.68
CA TYR C 76 5.62 -14.92 9.29
C TYR C 76 5.02 -16.14 8.61
N GLN C 77 5.86 -16.94 7.97
CA GLN C 77 5.39 -18.14 7.30
C GLN C 77 5.86 -19.33 8.12
N TYR C 78 4.99 -20.32 8.27
CA TYR C 78 5.33 -21.47 9.09
C TYR C 78 4.48 -22.68 8.77
N THR C 79 4.81 -23.78 9.44
CA THR C 79 4.08 -25.04 9.30
C THR C 79 3.79 -25.62 10.67
N TYR C 80 2.71 -26.39 10.75
CA TYR C 80 2.34 -27.07 11.97
C TYR C 80 1.42 -28.21 11.61
N THR C 81 1.24 -29.14 12.54
CA THR C 81 0.41 -30.31 12.29
C THR C 81 -1.03 -30.15 12.71
N ARG C 82 -1.95 -30.61 11.86
CA ARG C 82 -3.38 -30.57 12.13
C ARG C 82 -3.91 -31.91 11.63
N ASP C 83 -4.51 -32.68 12.54
CA ASP C 83 -5.04 -34.00 12.19
C ASP C 83 -4.03 -34.85 11.42
N GLY C 84 -2.77 -34.83 11.85
CA GLY C 84 -1.75 -35.64 11.20
C GLY C 84 -1.23 -35.13 9.87
N GLU C 85 -1.66 -33.94 9.46
CA GLU C 85 -1.20 -33.38 8.19
C GLU C 85 -0.46 -32.06 8.39
N GLU C 86 0.46 -31.76 7.47
CA GLU C 86 1.22 -30.53 7.56
C GLU C 86 0.44 -29.36 6.98
N VAL C 87 0.21 -28.36 7.81
CA VAL C 87 -0.49 -27.16 7.40
C VAL C 87 0.56 -26.08 7.18
N THR C 88 0.46 -25.35 6.08
CA THR C 88 1.37 -24.25 5.79
C THR C 88 0.54 -22.99 6.00
N ALA C 89 1.03 -22.09 6.87
CA ALA C 89 0.31 -20.86 7.17
C ALA C 89 1.18 -19.62 6.99
N HIS C 90 0.52 -18.46 6.97
CA HIS C 90 1.19 -17.17 6.78
C HIS C 90 0.40 -16.11 7.52
N THR C 91 1.10 -15.29 8.32
CA THR C 91 0.42 -14.22 9.05
C THR C 91 1.09 -12.88 8.78
N THR C 92 0.34 -11.82 9.05
CA THR C 92 0.83 -10.47 8.90
C THR C 92 0.34 -9.73 10.12
N CYS C 93 1.27 -9.18 10.88
CA CYS C 93 0.94 -8.46 12.11
C CYS C 93 1.17 -6.97 11.94
N SER C 94 0.12 -6.20 12.22
CA SER C 94 0.17 -4.76 12.11
C SER C 94 -0.45 -4.20 13.39
N VAL C 95 -0.14 -2.95 13.72
CA VAL C 95 -0.68 -2.32 14.93
C VAL C 95 -1.14 -0.91 14.61
N ASN C 96 -2.08 -0.42 15.38
CA ASN C 96 -2.59 0.92 15.15
C ASN C 96 -2.89 1.53 16.52
N GLY C 97 -2.89 2.86 16.57
CA GLY C 97 -3.14 3.56 17.80
C GLY C 97 -1.97 3.55 18.77
N MET C 98 -0.74 3.53 18.26
CA MET C 98 0.42 3.53 19.16
C MET C 98 0.54 4.87 19.86
N ASN C 99 1.38 4.93 20.89
CA ASN C 99 1.58 6.15 21.65
C ASN C 99 3.02 6.60 21.55
N ASP C 100 3.23 7.88 21.28
CA ASP C 100 4.57 8.42 21.14
C ASP C 100 5.20 8.86 22.45
N PHE C 101 6.35 8.26 22.75
CA PHE C 101 7.12 8.60 23.94
C PHE C 101 8.44 9.15 23.44
N ASN C 102 9.25 9.64 24.36
CA ASN C 102 10.55 10.16 23.97
C ASN C 102 11.45 10.25 25.20
N PHE C 103 12.72 10.49 24.96
CA PHE C 103 13.68 10.66 26.03
C PHE C 103 14.63 11.74 25.56
N ASN C 104 14.78 12.76 26.39
CA ASN C 104 15.66 13.88 26.06
C ASN C 104 16.65 14.01 27.21
N GLY C 105 17.83 13.43 27.03
CA GLY C 105 18.88 13.47 28.04
C GLY C 105 19.90 14.61 27.93
N GLY C 106 19.57 15.61 27.12
CA GLY C 106 20.48 16.74 26.94
C GLY C 106 20.31 17.44 25.61
N SER C 107 21.10 18.48 25.40
CA SER C 107 21.04 19.26 24.19
C SER C 107 22.35 19.07 23.40
N LEU C 108 23.40 18.70 24.15
CA LEU C 108 24.69 18.52 23.57
C LEU C 108 24.75 17.33 22.65
N PRO C 109 25.58 17.56 21.63
CA PRO C 109 25.85 16.63 20.55
C PRO C 109 26.11 15.29 21.15
N THR C 110 26.84 15.39 22.25
CA THR C 110 27.23 14.18 22.99
C THR C 110 26.18 13.72 24.04
N ASP C 111 24.87 14.05 23.88
CA ASP C 111 23.82 13.64 24.87
C ASP C 111 22.78 12.61 24.41
N PHE C 112 22.69 11.48 25.09
CA PHE C 112 21.72 10.43 24.74
C PHE C 112 20.28 10.92 24.60
N VAL C 113 19.66 10.64 23.46
CA VAL C 113 18.29 11.05 23.16
C VAL C 113 17.54 10.09 22.25
N ILE C 114 16.26 10.05 22.39
CA ILE C 114 15.33 9.25 21.60
C ILE C 114 14.23 10.24 21.29
N SER C 115 14.19 10.74 20.05
CA SER C 115 13.19 11.73 19.67
C SER C 115 11.76 11.24 19.66
N ARG C 116 11.58 9.95 19.40
CA ARG C 116 10.24 9.36 19.37
C ARG C 116 10.29 7.85 19.29
N TYR C 117 9.61 7.20 20.22
CA TYR C 117 9.52 5.76 20.23
C TYR C 117 8.06 5.38 20.52
N GLU C 118 7.57 4.38 19.82
CA GLU C 118 6.19 3.95 19.98
C GLU C 118 5.97 2.89 21.05
N VAL C 119 4.83 3.03 21.71
CA VAL C 119 4.42 2.13 22.77
C VAL C 119 2.94 1.84 22.56
N ILE C 120 2.58 0.55 22.56
CA ILE C 120 1.17 0.20 22.41
C ILE C 120 0.63 -0.10 23.81
N LYS C 121 -0.55 0.44 24.09
CA LYS C 121 -1.23 0.31 25.38
C LYS C 121 -2.67 -0.11 25.20
N GLU C 122 -3.50 0.26 26.17
CA GLU C 122 -4.91 -0.07 26.13
C GLU C 122 -5.70 0.65 25.04
N ASN C 123 -5.14 1.72 24.49
CA ASN C 123 -5.83 2.50 23.45
C ASN C 123 -5.30 2.06 22.09
N SER C 124 -4.53 0.98 22.09
CA SER C 124 -3.95 0.45 20.85
C SER C 124 -4.61 -0.86 20.42
N TYR C 125 -4.44 -1.21 19.16
CA TYR C 125 -4.96 -2.46 18.63
C TYR C 125 -3.84 -3.16 17.88
N VAL C 126 -3.87 -4.49 17.92
CA VAL C 126 -2.92 -5.31 17.19
C VAL C 126 -3.78 -6.17 16.27
N TYR C 127 -3.42 -6.24 15.00
CA TYR C 127 -4.18 -7.05 14.07
C TYR C 127 -3.28 -8.12 13.52
N VAL C 128 -3.80 -9.34 13.43
CA VAL C 128 -3.04 -10.45 12.87
C VAL C 128 -3.88 -11.08 11.75
N ASP C 129 -3.35 -11.01 10.53
CA ASP C 129 -4.02 -11.61 9.39
C ASP C 129 -3.53 -13.05 9.33
N TYR C 130 -4.44 -13.99 9.09
CA TYR C 130 -4.10 -15.39 9.04
C TYR C 130 -4.64 -16.06 7.78
N TRP C 131 -3.83 -16.96 7.23
CA TRP C 131 -4.16 -17.74 6.06
C TRP C 131 -3.42 -19.06 6.16
N ASP C 132 -4.04 -20.16 5.73
CA ASP C 132 -3.31 -21.42 5.68
C ASP C 132 -3.68 -22.09 4.37
N ASP C 133 -2.92 -23.10 3.96
CA ASP C 133 -3.17 -23.73 2.67
C ASP C 133 -4.31 -24.74 2.58
N SER C 134 -5.23 -24.73 3.54
CA SER C 134 -6.35 -25.67 3.48
C SER C 134 -7.47 -25.11 2.60
N GLN C 135 -8.43 -25.96 2.24
CA GLN C 135 -9.55 -25.57 1.38
C GLN C 135 -10.36 -24.37 1.86
N ALA C 136 -10.45 -24.19 3.18
CA ALA C 136 -11.21 -23.10 3.77
C ALA C 136 -10.85 -21.70 3.26
N PHE C 137 -9.56 -21.47 3.03
CA PHE C 137 -9.10 -20.15 2.58
C PHE C 137 -9.09 -19.92 1.07
N ARG C 138 -9.39 -20.96 0.32
CA ARG C 138 -9.44 -20.83 -1.13
C ARG C 138 -10.70 -20.07 -1.50
N ASN C 139 -10.53 -19.03 -2.31
CA ASN C 139 -11.65 -18.22 -2.76
C ASN C 139 -12.53 -17.65 -1.65
N MET C 140 -11.98 -17.49 -0.45
CA MET C 140 -12.75 -16.96 0.68
C MET C 140 -13.02 -15.47 0.48
N VAL C 141 -14.14 -15.16 -0.16
CA VAL C 141 -14.51 -13.78 -0.45
C VAL C 141 -15.85 -13.36 0.14
N TYR C 142 -16.80 -14.29 0.14
CA TYR C 142 -18.15 -14.04 0.65
C TYR C 142 -18.42 -14.96 1.85
N VAL C 143 -18.39 -14.40 3.04
CA VAL C 143 -18.58 -15.19 4.26
C VAL C 143 -19.77 -14.77 5.12
N ARG C 144 -20.51 -15.78 5.61
CA ARG C 144 -21.71 -15.61 6.44
C ARG C 144 -21.44 -16.40 7.74
N SER C 145 -22.17 -16.07 8.80
CA SER C 145 -22.03 -16.78 10.08
C SER C 145 -20.60 -16.97 10.55
N LEU C 146 -19.79 -15.92 10.43
CA LEU C 146 -18.39 -16.01 10.86
C LEU C 146 -18.34 -16.02 12.38
N ALA C 147 -17.69 -17.04 12.95
CA ALA C 147 -17.57 -17.15 14.39
C ALA C 147 -16.19 -17.65 14.73
N ALA C 148 -15.58 -17.08 15.75
CA ALA C 148 -14.24 -17.50 16.14
C ALA C 148 -14.03 -17.47 17.64
N ASN C 149 -13.12 -18.31 18.10
CA ASN C 149 -12.79 -18.40 19.51
C ASN C 149 -11.28 -18.41 19.55
N LEU C 150 -10.69 -17.46 20.25
CA LEU C 150 -9.23 -17.36 20.36
C LEU C 150 -8.73 -17.21 21.79
N ASN C 151 -7.59 -17.81 22.06
CA ASN C 151 -6.96 -17.70 23.37
C ASN C 151 -6.34 -16.32 23.41
N SER C 152 -5.83 -15.94 24.57
CA SER C 152 -5.18 -14.65 24.69
C SER C 152 -3.68 -14.96 24.74
N VAL C 153 -2.87 -13.94 24.57
CA VAL C 153 -1.42 -14.14 24.60
C VAL C 153 -0.75 -12.92 25.21
N ILE C 154 0.39 -13.15 25.85
CA ILE C 154 1.15 -12.05 26.46
C ILE C 154 2.40 -11.77 25.62
N CYS C 155 2.59 -10.51 25.27
CA CYS C 155 3.76 -10.09 24.50
C CYS C 155 4.60 -9.22 25.42
N THR C 156 5.89 -9.55 25.51
CA THR C 156 6.79 -8.81 26.38
C THR C 156 7.96 -8.20 25.64
N GLY C 157 8.39 -7.03 26.11
CA GLY C 157 9.50 -6.35 25.47
C GLY C 157 10.85 -6.88 25.89
N GLY C 158 11.73 -7.10 24.92
CA GLY C 158 13.06 -7.57 25.26
C GLY C 158 13.94 -6.35 25.43
N ASP C 159 15.19 -6.56 25.86
CA ASP C 159 16.09 -5.44 26.06
C ASP C 159 16.58 -4.91 24.72
N TYR C 160 17.01 -3.65 24.73
CA TYR C 160 17.53 -3.02 23.54
C TYR C 160 18.58 -2.01 23.98
N SER C 161 19.84 -2.33 23.70
CA SER C 161 20.96 -1.47 24.06
C SER C 161 21.17 -0.35 23.06
N PHE C 162 21.42 0.84 23.58
CA PHE C 162 21.71 2.00 22.74
C PHE C 162 23.22 2.20 22.82
N ALA C 163 23.91 1.65 21.83
CA ALA C 163 25.37 1.71 21.74
C ALA C 163 25.96 3.09 21.54
N LEU C 164 26.24 3.78 22.64
CA LEU C 164 26.82 5.11 22.55
C LEU C 164 28.29 5.02 22.17
N PRO C 165 28.81 6.08 21.52
CA PRO C 165 30.21 6.14 21.10
C PRO C 165 31.12 6.02 22.33
N VAL C 166 30.67 6.58 23.46
CA VAL C 166 31.44 6.56 24.72
C VAL C 166 30.58 6.54 26.00
N GLY C 167 31.04 5.78 27.00
CA GLY C 167 30.32 5.69 28.27
C GLY C 167 29.61 4.35 28.35
N GLN C 168 28.88 4.09 29.43
CA GLN C 168 28.16 2.82 29.48
C GLN C 168 26.91 2.99 28.61
N TRP C 169 26.13 1.92 28.46
CA TRP C 169 25.00 1.96 27.53
C TRP C 169 23.58 1.87 28.11
N PRO C 170 22.73 2.80 27.73
CA PRO C 170 21.34 2.71 28.16
C PRO C 170 20.77 1.38 27.59
N VAL C 171 19.78 0.82 28.27
CA VAL C 171 19.14 -0.41 27.82
C VAL C 171 17.66 -0.34 28.15
N MET C 172 16.89 -0.13 27.13
CA MET C 172 15.48 -0.10 27.30
C MET C 172 15.15 -1.52 27.68
N THR C 173 14.33 -1.68 28.71
CA THR C 173 14.01 -3.00 29.19
C THR C 173 12.57 -3.09 29.70
N GLY C 174 12.01 -4.29 29.70
CA GLY C 174 10.65 -4.49 30.17
C GLY C 174 9.55 -4.11 29.21
N GLY C 175 8.33 -4.04 29.75
CA GLY C 175 7.17 -3.69 28.95
C GLY C 175 6.39 -4.93 28.59
N ALA C 176 5.05 -4.87 28.68
CA ALA C 176 4.23 -6.01 28.34
C ALA C 176 2.75 -5.69 28.22
N VAL C 177 2.08 -6.42 27.33
CA VAL C 177 0.66 -6.28 27.11
C VAL C 177 0.09 -7.65 26.81
N SER C 178 -1.15 -7.88 27.21
CA SER C 178 -1.79 -9.15 26.90
C SER C 178 -2.77 -8.83 25.77
N LEU C 179 -2.82 -9.68 24.75
CA LEU C 179 -3.73 -9.51 23.63
C LEU C 179 -4.99 -10.32 23.89
N HIS C 180 -6.15 -9.69 23.68
CA HIS C 180 -7.45 -10.32 23.86
C HIS C 180 -8.27 -10.17 22.60
N SER C 181 -8.74 -11.29 22.06
CA SER C 181 -9.52 -11.29 20.82
C SER C 181 -10.69 -10.33 20.88
N ALA C 182 -10.83 -9.52 19.84
CA ALA C 182 -11.93 -8.55 19.80
C ALA C 182 -12.48 -8.33 18.40
N GLY C 183 -12.89 -9.41 17.75
CA GLY C 183 -13.46 -9.30 16.42
C GLY C 183 -12.61 -9.92 15.32
N VAL C 184 -13.27 -10.22 14.21
CA VAL C 184 -12.62 -10.82 13.06
C VAL C 184 -13.33 -10.33 11.81
N THR C 185 -12.58 -10.07 10.76
CA THR C 185 -13.17 -9.63 9.49
C THR C 185 -12.31 -10.22 8.39
N LEU C 186 -12.78 -10.15 7.15
CA LEU C 186 -11.98 -10.70 6.06
C LEU C 186 -10.91 -9.69 5.65
N SER C 187 -9.81 -10.19 5.07
CA SER C 187 -8.74 -9.32 4.62
C SER C 187 -7.92 -10.07 3.60
N THR C 188 -6.94 -9.39 3.04
CA THR C 188 -6.06 -9.99 2.05
C THR C 188 -4.65 -9.67 2.48
N GLN C 189 -3.77 -10.66 2.43
CA GLN C 189 -2.37 -10.46 2.76
C GLN C 189 -1.72 -10.30 1.41
N PHE C 190 -1.34 -9.08 1.07
CA PHE C 190 -0.72 -8.84 -0.22
C PHE C 190 0.75 -9.21 -0.15
N THR C 191 1.09 -10.46 -0.47
CA THR C 191 2.49 -10.89 -0.41
C THR C 191 3.18 -10.49 -1.72
N ASP C 192 4.52 -10.53 -1.70
CA ASP C 192 5.34 -10.20 -2.86
C ASP C 192 4.83 -10.93 -4.11
N PHE C 193 4.17 -12.06 -3.88
CA PHE C 193 3.68 -12.85 -5.01
C PHE C 193 2.16 -13.06 -4.96
N VAL C 194 1.72 -14.08 -4.23
CA VAL C 194 0.29 -14.41 -4.12
C VAL C 194 -0.43 -13.46 -3.18
N SER C 195 -1.68 -13.15 -3.48
CA SER C 195 -2.46 -12.27 -2.60
C SER C 195 -3.43 -13.18 -1.87
N LEU C 196 -3.10 -13.50 -0.62
CA LEU C 196 -3.85 -14.45 0.19
C LEU C 196 -5.18 -14.00 0.85
N ASN C 197 -6.25 -14.75 0.60
CA ASN C 197 -7.55 -14.47 1.20
C ASN C 197 -7.39 -14.88 2.67
N SER C 198 -7.56 -13.93 3.58
CA SER C 198 -7.34 -14.20 4.99
C SER C 198 -8.45 -13.76 5.93
N LEU C 199 -8.22 -14.03 7.22
CA LEU C 199 -9.12 -13.62 8.28
C LEU C 199 -8.28 -12.65 9.10
N ARG C 200 -8.81 -11.47 9.37
CA ARG C 200 -8.09 -10.48 10.15
C ARG C 200 -8.62 -10.48 11.56
N PHE C 201 -7.78 -10.89 12.51
CA PHE C 201 -8.18 -10.95 13.90
C PHE C 201 -7.69 -9.70 14.61
N ARG C 202 -8.61 -8.97 15.24
CA ARG C 202 -8.23 -7.77 15.99
C ARG C 202 -8.10 -8.13 17.46
N PHE C 203 -7.11 -7.55 18.11
CA PHE C 203 -6.86 -7.81 19.53
C PHE C 203 -6.80 -6.53 20.34
N ARG C 204 -7.57 -6.47 21.42
CA ARG C 204 -7.52 -5.31 22.29
C ARG C 204 -6.42 -5.64 23.31
N LEU C 205 -5.82 -4.61 23.88
CA LEU C 205 -4.72 -4.82 24.81
C LEU C 205 -4.97 -4.41 26.25
N THR C 206 -4.25 -5.06 27.16
CA THR C 206 -4.30 -4.78 28.59
C THR C 206 -2.82 -4.74 28.99
N VAL C 207 -2.38 -3.65 29.62
CA VAL C 207 -0.97 -3.60 30.02
C VAL C 207 -0.73 -4.63 31.11
N GLU C 208 0.49 -5.13 31.20
CA GLU C 208 0.85 -6.13 32.20
C GLU C 208 2.24 -5.84 32.73
N GLU C 209 2.65 -6.62 33.72
CA GLU C 209 3.98 -6.52 34.28
C GLU C 209 4.87 -7.28 33.29
N PRO C 210 6.14 -6.89 33.15
CA PRO C 210 6.80 -5.79 33.85
C PRO C 210 6.67 -4.44 33.13
N SER C 211 6.64 -3.36 33.89
CA SER C 211 6.59 -2.04 33.30
C SER C 211 7.93 -1.93 32.56
N PHE C 212 8.12 -0.89 31.75
CA PHE C 212 9.38 -0.77 31.04
C PHE C 212 10.17 0.46 31.48
N SER C 213 11.47 0.42 31.22
CA SER C 213 12.34 1.53 31.61
C SER C 213 13.61 1.55 30.76
N ILE C 214 14.43 2.57 30.99
CA ILE C 214 15.69 2.73 30.28
C ILE C 214 16.77 2.92 31.33
N THR C 215 17.64 1.92 31.48
CA THR C 215 18.71 2.01 32.46
C THR C 215 19.56 3.25 32.21
N ARG C 216 20.17 3.76 33.27
CA ARG C 216 21.03 4.93 33.17
C ARG C 216 20.24 6.20 32.86
N THR C 217 18.98 6.22 33.28
CA THR C 217 18.10 7.35 33.10
C THR C 217 17.02 7.27 34.18
N ARG C 218 16.14 8.27 34.21
CA ARG C 218 15.09 8.29 35.22
C ARG C 218 13.80 7.67 34.70
N VAL C 219 13.88 7.05 33.53
CA VAL C 219 12.69 6.42 32.93
C VAL C 219 12.47 5.03 33.51
N SER C 220 11.31 4.83 34.11
CA SER C 220 10.96 3.56 34.73
C SER C 220 9.48 3.56 35.08
N ARG C 221 8.97 2.40 35.47
CA ARG C 221 7.57 2.26 35.86
C ARG C 221 6.56 2.70 34.81
N LEU C 222 6.91 2.57 33.53
CA LEU C 222 5.98 2.94 32.45
C LEU C 222 5.32 1.65 31.97
N TYR C 223 4.06 1.72 31.57
CA TYR C 223 3.35 0.52 31.12
C TYR C 223 2.97 0.47 29.64
N GLY C 224 3.16 -0.70 29.04
CA GLY C 224 2.87 -0.88 27.63
C GLY C 224 4.00 -1.63 26.96
N LEU C 225 3.92 -1.82 25.65
CA LEU C 225 4.96 -2.53 24.92
C LEU C 225 5.65 -1.58 23.94
N PRO C 226 6.94 -1.27 24.19
CA PRO C 226 7.70 -0.37 23.31
C PRO C 226 8.07 -1.07 22.01
N ALA C 227 8.35 -0.29 20.98
CA ALA C 227 8.70 -0.86 19.68
C ALA C 227 10.18 -1.24 19.52
N ALA C 228 10.99 -1.02 20.56
CA ALA C 228 12.42 -1.34 20.45
C ALA C 228 12.74 -2.81 20.23
N ASN C 229 12.09 -3.68 20.99
CA ASN C 229 12.33 -5.12 20.84
C ASN C 229 11.09 -5.89 21.31
N PRO C 230 9.95 -5.66 20.64
CA PRO C 230 8.70 -6.33 21.00
C PRO C 230 8.65 -7.86 20.92
N ASN C 231 9.53 -8.48 20.13
CA ASN C 231 9.53 -9.94 20.02
C ASN C 231 10.28 -10.62 21.16
N ASN C 232 11.06 -9.84 21.91
CA ASN C 232 11.79 -10.35 23.06
C ASN C 232 12.53 -11.66 22.76
N GLY C 233 13.22 -11.69 21.63
CA GLY C 233 13.98 -12.88 21.26
C GLY C 233 13.17 -14.07 20.79
N LYS C 234 11.84 -13.95 20.78
CA LYS C 234 11.02 -15.05 20.32
C LYS C 234 10.99 -15.04 18.80
N GLU C 235 10.67 -16.20 18.24
CA GLU C 235 10.57 -16.36 16.81
C GLU C 235 9.17 -16.01 16.38
N TYR C 236 8.24 -16.09 17.34
CA TYR C 236 6.84 -15.80 17.06
C TYR C 236 6.10 -15.90 18.37
N TYR C 237 4.95 -15.28 18.41
CA TYR C 237 4.07 -15.35 19.52
C TYR C 237 3.00 -16.29 19.05
N GLU C 238 2.33 -17.03 19.93
CA GLU C 238 1.35 -17.99 19.47
C GLU C 238 -0.01 -17.89 20.15
N VAL C 239 -1.06 -17.96 19.35
CA VAL C 239 -2.43 -17.92 19.82
C VAL C 239 -3.15 -19.07 19.13
N ALA C 240 -3.82 -19.89 19.92
CA ALA C 240 -4.56 -21.03 19.39
C ALA C 240 -6.03 -20.68 19.40
N GLY C 241 -6.74 -21.13 18.38
CA GLY C 241 -8.15 -20.84 18.32
C GLY C 241 -8.87 -21.71 17.30
N ARG C 242 -10.06 -21.28 16.93
CA ARG C 242 -10.83 -22.01 15.96
C ARG C 242 -11.88 -21.09 15.40
N PHE C 243 -12.30 -21.37 14.18
CA PHE C 243 -13.30 -20.55 13.56
C PHE C 243 -14.28 -21.41 12.82
N SER C 244 -15.44 -20.84 12.56
CA SER C 244 -16.51 -21.50 11.85
C SER C 244 -17.15 -20.45 10.95
N LEU C 245 -17.31 -20.78 9.68
CA LEU C 245 -17.92 -19.84 8.75
C LEU C 245 -18.50 -20.53 7.54
N ILE C 246 -19.37 -19.82 6.84
CA ILE C 246 -19.99 -20.30 5.62
C ILE C 246 -19.44 -19.43 4.50
N SER C 247 -18.85 -20.08 3.50
CA SER C 247 -18.24 -19.38 2.38
C SER C 247 -18.90 -19.74 1.05
N LEU C 248 -19.25 -18.72 0.26
CA LEU C 248 -19.85 -18.92 -1.05
C LEU C 248 -18.67 -18.99 -2.00
N VAL C 249 -18.46 -20.16 -2.59
CA VAL C 249 -17.31 -20.38 -3.46
C VAL C 249 -17.62 -21.10 -4.77
N PRO C 250 -16.72 -20.97 -5.76
CA PRO C 250 -16.92 -21.63 -7.06
C PRO C 250 -16.98 -23.15 -6.86
N SER C 251 -17.82 -23.83 -7.63
CA SER C 251 -17.96 -25.28 -7.52
C SER C 251 -16.83 -26.07 -8.18
N ASN C 252 -16.23 -25.52 -9.23
CA ASN C 252 -15.17 -26.22 -9.93
C ASN C 252 -13.77 -25.72 -9.65
#